data_6G84
#
_entry.id   6G84
#
_cell.length_a   174.500
_cell.length_b   73.930
_cell.length_c   83.530
_cell.angle_alpha   90.00
_cell.angle_beta   114.27
_cell.angle_gamma   90.00
#
_symmetry.space_group_name_H-M   'C 1 2 1'
#
loop_
_entity.id
_entity.type
_entity.pdbx_description
1 polymer 'Tyrosine-protein phosphatase CDC14'
2 polymer CBK1
3 polymer CBK1
4 non-polymer 'CALCIUM ION'
5 non-polymer 1,2-ETHANEDIOL
6 non-polymer 'ZINC ION'
7 water water
#
loop_
_entity_poly.entity_id
_entity_poly.type
_entity_poly.pdbx_seq_one_letter_code
_entity_poly.pdbx_strand_id
1 'polypeptide(L)'
;MRRSVYLDNTIEFLRGRVYLGAYDYTPEDTDELVFFTVEDAIFYNSFHLDFGPMNIGHLYRFAVIFHEILNDPENANKAV
VFYSSASTRQRANAACMLCCYMILVQAWTPHQVLQPLAQVDPPFMPFRDAGYSNADFEITIQDVVYGVWRAKEKGLIDLH
SFNLESYEKYEHVEFGDFNVLTPDFIAFASPQEDHPKGYLATKSSHLNQPFKSVLNFFANNNVQLVVRLNSHLYNKKHFE
DIGIQHLDLIFEDGTCPDLSIVKNFVGAAETIIKRGGKIAVHCKAGLGRTGCLIGAHLIYTYGFTANECIGFLRFIRPGM
VVGPQQHWLYLHQNDFREWKYTTRISLKPSEAIGGLYPLISLEEYRLQKKKLKD
;
A,B
2 'polypeptide(L)' FTDVPALNYPATPPPH D
3 'polypeptide(L)' AFTDVPALNYPATPPPH C
#
loop_
_chem_comp.id
_chem_comp.type
_chem_comp.name
_chem_comp.formula
CA non-polymer 'CALCIUM ION' 'Ca 2'
EDO non-polymer 1,2-ETHANEDIOL 'C2 H6 O2'
ZN non-polymer 'ZINC ION' 'Zn 2'
#
# COMPACT_ATOMS: atom_id res chain seq x y z
N VAL A 5 10.11 -24.96 -22.94
CA VAL A 5 9.17 -24.89 -24.05
C VAL A 5 7.98 -25.82 -23.81
N TYR A 6 8.15 -26.75 -22.88
CA TYR A 6 7.11 -27.71 -22.53
C TYR A 6 6.84 -27.77 -21.03
N LEU A 7 7.47 -26.91 -20.25
CA LEU A 7 7.38 -27.00 -18.80
C LEU A 7 6.02 -26.49 -18.31
N ASP A 8 5.70 -26.86 -17.06
CA ASP A 8 4.49 -26.42 -16.39
C ASP A 8 4.87 -25.75 -15.08
N ASN A 9 4.05 -24.78 -14.66
CA ASN A 9 4.29 -24.01 -13.45
C ASN A 9 5.66 -23.35 -13.48
N THR A 10 5.96 -22.73 -14.62
CA THR A 10 7.24 -22.04 -14.81
C THR A 10 6.96 -20.64 -15.36
N ILE A 11 7.63 -19.64 -14.77
CA ILE A 11 7.45 -18.24 -15.13
C ILE A 11 8.68 -17.75 -15.87
N GLU A 12 8.46 -17.00 -16.94
CA GLU A 12 9.54 -16.48 -17.78
C GLU A 12 9.91 -15.07 -17.32
N PHE A 13 11.18 -14.87 -16.96
CA PHE A 13 11.73 -13.56 -16.67
C PHE A 13 12.53 -13.00 -17.83
N LEU A 14 13.48 -13.77 -18.36
CA LEU A 14 14.21 -13.43 -19.57
C LEU A 14 14.01 -14.55 -20.58
N ARG A 15 13.62 -14.19 -21.81
CA ARG A 15 13.32 -15.17 -22.83
C ARG A 15 14.52 -16.06 -23.10
N GLY A 16 14.37 -17.35 -22.83
CA GLY A 16 15.42 -18.32 -23.13
C GLY A 16 16.68 -18.16 -22.32
N ARG A 17 16.58 -17.66 -21.10
CA ARG A 17 17.77 -17.49 -20.27
C ARG A 17 17.45 -17.59 -18.78
N VAL A 18 16.37 -16.94 -18.33
CA VAL A 18 16.01 -16.92 -16.92
C VAL A 18 14.56 -17.36 -16.78
N TYR A 19 14.32 -18.31 -15.88
CA TYR A 19 12.99 -18.83 -15.63
C TYR A 19 12.82 -19.15 -14.15
N LEU A 20 11.58 -19.08 -13.67
CA LEU A 20 11.25 -19.36 -12.28
C LEU A 20 10.23 -20.48 -12.25
N GLY A 21 10.61 -21.62 -11.66
CA GLY A 21 9.76 -22.78 -11.60
C GLY A 21 9.33 -23.13 -10.18
N ALA A 22 8.45 -24.13 -10.10
CA ALA A 22 7.98 -24.63 -8.80
C ALA A 22 7.48 -26.05 -9.01
N TYR A 23 8.24 -27.04 -8.52
CA TYR A 23 7.90 -28.44 -8.72
C TYR A 23 8.08 -29.21 -7.41
N ASP A 24 7.27 -30.25 -7.24
CA ASP A 24 7.41 -31.18 -6.12
C ASP A 24 8.31 -32.36 -6.47
N TYR A 25 9.23 -32.18 -7.41
CA TYR A 25 10.16 -33.23 -7.81
C TYR A 25 11.42 -32.57 -8.35
N THR A 26 12.46 -33.39 -8.52
CA THR A 26 13.73 -32.90 -9.04
C THR A 26 13.75 -33.05 -10.55
N PRO A 27 13.69 -31.97 -11.32
CA PRO A 27 13.71 -32.10 -12.78
C PRO A 27 15.11 -32.41 -13.29
N GLU A 28 15.15 -33.12 -14.42
CA GLU A 28 16.41 -33.51 -15.04
C GLU A 28 16.90 -32.42 -15.97
N ASP A 29 18.23 -32.26 -16.02
CA ASP A 29 18.83 -31.29 -16.92
C ASP A 29 18.69 -31.75 -18.37
N THR A 30 18.83 -30.80 -19.29
CA THR A 30 18.68 -31.05 -20.71
C THR A 30 19.78 -30.31 -21.45
N ASP A 31 19.84 -30.53 -22.77
CA ASP A 31 20.81 -29.82 -23.60
C ASP A 31 20.52 -28.33 -23.65
N GLU A 32 19.28 -27.93 -23.43
CA GLU A 32 18.89 -26.53 -23.44
C GLU A 32 18.39 -26.03 -22.10
N LEU A 33 18.33 -26.89 -21.08
CA LEU A 33 17.80 -26.52 -19.78
C LEU A 33 18.74 -26.99 -18.68
N VAL A 34 18.91 -26.16 -17.65
CA VAL A 34 19.66 -26.50 -16.46
C VAL A 34 18.88 -25.99 -15.25
N PHE A 35 18.65 -26.86 -14.28
CA PHE A 35 17.82 -26.55 -13.12
C PHE A 35 18.67 -26.52 -11.86
N PHE A 36 18.28 -25.61 -10.94
CA PHE A 36 18.97 -25.52 -9.66
C PHE A 36 18.02 -24.93 -8.63
N THR A 37 18.25 -25.30 -7.37
CA THR A 37 17.41 -24.85 -6.27
C THR A 37 18.28 -24.67 -5.03
N VAL A 38 17.85 -23.80 -4.12
CA VAL A 38 18.58 -23.51 -2.91
C VAL A 38 17.74 -23.77 -1.66
N GLU A 39 16.58 -24.42 -1.80
CA GLU A 39 15.76 -24.74 -0.63
C GLU A 39 16.51 -25.60 0.37
N ASP A 40 17.38 -26.50 -0.12
CA ASP A 40 18.08 -27.42 0.76
C ASP A 40 19.32 -26.82 1.40
N ALA A 41 19.80 -25.69 0.88
CA ALA A 41 21.01 -25.05 1.40
C ALA A 41 20.76 -23.69 2.03
N ILE A 42 19.90 -22.87 1.44
CA ILE A 42 19.60 -21.53 1.93
C ILE A 42 18.16 -21.51 2.41
N PHE A 43 17.97 -21.44 3.73
CA PHE A 43 16.64 -21.49 4.32
C PHE A 43 16.46 -20.33 5.30
N TYR A 44 15.22 -20.15 5.73
CA TYR A 44 14.82 -19.05 6.60
C TYR A 44 14.60 -19.57 8.02
N ASN A 45 15.36 -19.02 8.97
CA ASN A 45 15.18 -19.37 10.37
C ASN A 45 13.94 -18.67 10.91
N SER A 46 12.95 -19.44 11.33
CA SER A 46 11.67 -18.89 11.74
CA SER A 46 11.67 -18.89 11.74
C SER A 46 11.62 -18.67 13.25
N PHE A 47 11.00 -17.56 13.65
CA PHE A 47 10.79 -17.28 15.07
C PHE A 47 9.57 -18.04 15.59
N HIS A 48 8.47 -17.99 14.85
CA HIS A 48 7.26 -18.72 15.21
C HIS A 48 6.55 -19.22 13.95
N LEU A 49 5.66 -18.40 13.39
CA LEU A 49 4.93 -18.75 12.17
C LEU A 49 5.32 -17.89 10.98
N ASP A 50 6.37 -17.08 11.11
CA ASP A 50 6.90 -16.34 9.97
C ASP A 50 7.75 -17.26 9.10
N PHE A 51 7.70 -17.04 7.79
CA PHE A 51 8.43 -17.88 6.85
C PHE A 51 9.31 -17.11 5.88
N GLY A 52 9.26 -15.78 5.88
CA GLY A 52 10.06 -15.00 4.96
C GLY A 52 9.80 -13.51 5.10
N PRO A 53 10.34 -12.71 4.17
CA PRO A 53 11.14 -13.16 3.03
C PRO A 53 12.59 -13.45 3.40
N MET A 54 13.38 -13.90 2.41
CA MET A 54 14.81 -14.12 2.64
C MET A 54 15.51 -12.79 2.89
N ASN A 55 16.55 -12.83 3.72
CA ASN A 55 17.27 -11.62 4.07
C ASN A 55 18.36 -11.33 3.04
N ILE A 56 19.10 -10.24 3.27
CA ILE A 56 20.16 -9.84 2.34
C ILE A 56 21.29 -10.86 2.34
N GLY A 57 21.55 -11.50 3.48
CA GLY A 57 22.58 -12.52 3.53
C GLY A 57 22.24 -13.72 2.67
N HIS A 58 20.95 -14.09 2.63
CA HIS A 58 20.51 -15.16 1.74
C HIS A 58 20.60 -14.72 0.28
N LEU A 59 20.37 -13.44 0.01
CA LEU A 59 20.46 -12.94 -1.36
C LEU A 59 21.87 -13.09 -1.91
N TYR A 60 22.88 -12.70 -1.11
CA TYR A 60 24.26 -12.74 -1.57
C TYR A 60 24.68 -14.17 -1.93
N ARG A 61 24.36 -15.13 -1.06
CA ARG A 61 24.71 -16.52 -1.35
CA ARG A 61 24.71 -16.52 -1.35
C ARG A 61 23.98 -17.04 -2.58
N PHE A 62 22.78 -16.52 -2.85
CA PHE A 62 22.06 -16.92 -4.05
C PHE A 62 22.73 -16.37 -5.31
N ALA A 63 23.29 -15.16 -5.22
CA ALA A 63 23.93 -14.55 -6.38
C ALA A 63 25.21 -15.27 -6.77
N VAL A 64 25.94 -15.81 -5.78
CA VAL A 64 27.15 -16.55 -6.09
C VAL A 64 26.83 -17.82 -6.85
N ILE A 65 25.80 -18.55 -6.40
CA ILE A 65 25.41 -19.78 -7.10
C ILE A 65 24.82 -19.46 -8.46
N PHE A 66 24.06 -18.36 -8.56
CA PHE A 66 23.45 -17.99 -9.83
C PHE A 66 24.51 -17.59 -10.86
N HIS A 67 25.49 -16.78 -10.45
CA HIS A 67 26.54 -16.34 -11.38
C HIS A 67 27.43 -17.50 -11.81
N GLU A 68 27.66 -18.47 -10.92
CA GLU A 68 28.51 -19.61 -11.27
C GLU A 68 27.88 -20.46 -12.36
N ILE A 69 26.56 -20.66 -12.28
CA ILE A 69 25.85 -21.44 -13.30
C ILE A 69 25.74 -20.64 -14.59
N LEU A 70 25.63 -19.30 -14.49
CA LEU A 70 25.48 -18.48 -15.68
C LEU A 70 26.73 -18.52 -16.55
N ASN A 71 27.92 -18.45 -15.94
CA ASN A 71 29.17 -18.42 -16.68
C ASN A 71 29.82 -19.80 -16.79
N ASP A 72 29.10 -20.86 -16.49
CA ASP A 72 29.62 -22.20 -16.72
C ASP A 72 29.60 -22.47 -18.22
N PRO A 73 30.77 -22.73 -18.84
CA PRO A 73 30.79 -22.91 -20.30
C PRO A 73 29.86 -24.02 -20.80
N GLU A 74 29.55 -25.02 -19.98
CA GLU A 74 28.60 -26.04 -20.39
C GLU A 74 27.18 -25.49 -20.51
N ASN A 75 26.88 -24.39 -19.82
CA ASN A 75 25.58 -23.74 -19.89
C ASN A 75 25.60 -22.52 -20.79
N ALA A 76 26.42 -22.54 -21.85
CA ALA A 76 26.56 -21.36 -22.69
C ALA A 76 25.30 -21.08 -23.49
N ASN A 77 24.59 -22.12 -23.92
CA ASN A 77 23.39 -21.97 -24.72
C ASN A 77 22.16 -22.55 -24.04
N LYS A 78 22.20 -22.70 -22.72
CA LYS A 78 21.07 -23.23 -21.96
C LYS A 78 20.30 -22.11 -21.27
N ALA A 79 19.04 -22.39 -20.98
CA ALA A 79 18.19 -21.49 -20.22
C ALA A 79 18.17 -21.98 -18.77
N VAL A 80 18.50 -21.09 -17.84
CA VAL A 80 18.58 -21.45 -16.43
C VAL A 80 17.20 -21.34 -15.80
N VAL A 81 16.85 -22.34 -14.99
CA VAL A 81 15.55 -22.39 -14.33
C VAL A 81 15.80 -22.49 -12.83
N PHE A 82 15.48 -21.43 -12.10
CA PHE A 82 15.53 -21.42 -10.65
C PHE A 82 14.15 -21.82 -10.12
N TYR A 83 14.10 -22.90 -9.34
CA TYR A 83 12.83 -23.45 -8.91
C TYR A 83 12.83 -23.69 -7.41
N SER A 84 11.65 -24.03 -6.89
CA SER A 84 11.46 -24.39 -5.50
C SER A 84 10.35 -25.45 -5.45
N SER A 85 9.91 -25.79 -4.23
CA SER A 85 8.76 -26.65 -4.07
C SER A 85 7.48 -25.89 -4.43
N ALA A 86 6.36 -26.60 -4.40
CA ALA A 86 5.09 -26.04 -4.86
C ALA A 86 4.29 -25.36 -3.76
N SER A 87 4.80 -25.32 -2.53
CA SER A 87 4.08 -24.63 -1.46
C SER A 87 4.06 -23.13 -1.73
N THR A 88 2.93 -22.49 -1.39
CA THR A 88 2.81 -21.06 -1.65
C THR A 88 3.79 -20.25 -0.83
N ARG A 89 4.22 -20.76 0.33
CA ARG A 89 5.19 -20.04 1.14
C ARG A 89 6.58 -20.09 0.52
N GLN A 90 7.01 -21.27 0.04
CA GLN A 90 8.33 -21.38 -0.56
C GLN A 90 8.37 -20.76 -1.95
N ARG A 91 7.23 -20.70 -2.65
CA ARG A 91 7.21 -20.02 -3.93
C ARG A 91 7.33 -18.51 -3.78
N ALA A 92 6.90 -17.98 -2.63
CA ALA A 92 7.04 -16.55 -2.38
C ALA A 92 8.47 -16.18 -2.01
N ASN A 93 9.16 -17.04 -1.25
CA ASN A 93 10.53 -16.76 -0.87
C ASN A 93 11.46 -16.78 -2.08
N ALA A 94 11.20 -17.68 -3.03
CA ALA A 94 12.04 -17.76 -4.23
C ALA A 94 11.75 -16.62 -5.19
N ALA A 95 10.47 -16.32 -5.42
CA ALA A 95 10.12 -15.23 -6.34
C ALA A 95 10.60 -13.88 -5.82
N CYS A 96 10.44 -13.64 -4.52
CA CYS A 96 10.87 -12.36 -3.96
C CYS A 96 12.40 -12.26 -3.95
N MET A 97 13.09 -13.36 -3.69
CA MET A 97 14.54 -13.34 -3.70
C MET A 97 15.09 -13.16 -5.11
N LEU A 98 14.38 -13.69 -6.11
CA LEU A 98 14.80 -13.46 -7.49
C LEU A 98 14.52 -12.03 -7.93
N CYS A 99 13.44 -11.43 -7.43
CA CYS A 99 13.14 -10.04 -7.77
C CYS A 99 14.17 -9.09 -7.17
N CYS A 100 14.52 -9.30 -5.89
CA CYS A 100 15.51 -8.43 -5.25
C CYS A 100 16.87 -8.55 -5.91
N TYR A 101 17.15 -9.68 -6.55
CA TYR A 101 18.42 -9.83 -7.27
C TYR A 101 18.46 -8.93 -8.50
N MET A 102 17.38 -8.91 -9.28
CA MET A 102 17.33 -8.06 -10.47
C MET A 102 17.29 -6.58 -10.11
N ILE A 103 16.79 -6.24 -8.91
CA ILE A 103 16.75 -4.85 -8.49
C ILE A 103 18.14 -4.37 -8.09
N LEU A 104 18.88 -5.18 -7.32
CA LEU A 104 20.13 -4.75 -6.72
C LEU A 104 21.36 -5.07 -7.56
N VAL A 105 21.25 -5.95 -8.55
CA VAL A 105 22.39 -6.38 -9.35
C VAL A 105 22.22 -5.99 -10.82
N GLN A 106 21.03 -6.21 -11.37
CA GLN A 106 20.78 -5.98 -12.79
C GLN A 106 20.06 -4.66 -13.06
N ALA A 107 19.81 -3.86 -12.02
CA ALA A 107 19.27 -2.50 -12.17
C ALA A 107 17.90 -2.51 -12.86
N TRP A 108 17.06 -3.48 -12.53
CA TRP A 108 15.70 -3.47 -13.00
C TRP A 108 14.85 -2.51 -12.15
N THR A 109 13.71 -2.13 -12.68
CA THR A 109 12.76 -1.29 -11.97
C THR A 109 11.63 -2.13 -11.40
N PRO A 110 10.92 -1.62 -10.38
CA PRO A 110 9.85 -2.43 -9.76
C PRO A 110 8.81 -2.95 -10.74
N HIS A 111 8.35 -2.15 -11.70
CA HIS A 111 7.33 -2.63 -12.63
C HIS A 111 7.88 -3.68 -13.60
N GLN A 112 9.21 -3.79 -13.72
CA GLN A 112 9.79 -4.79 -14.60
C GLN A 112 9.86 -6.16 -13.92
N VAL A 113 10.17 -6.19 -12.63
CA VAL A 113 10.25 -7.47 -11.92
C VAL A 113 8.89 -7.97 -11.47
N LEU A 114 7.90 -7.08 -11.33
CA LEU A 114 6.58 -7.48 -10.89
C LEU A 114 5.69 -7.98 -12.02
N GLN A 115 6.03 -7.64 -13.27
CA GLN A 115 5.22 -8.08 -14.40
C GLN A 115 5.14 -9.60 -14.54
N PRO A 116 6.23 -10.36 -14.45
CA PRO A 116 6.11 -11.82 -14.58
C PRO A 116 5.34 -12.49 -13.46
N LEU A 117 5.25 -11.86 -12.28
CA LEU A 117 4.63 -12.48 -11.12
C LEU A 117 3.17 -12.09 -10.93
N ALA A 118 2.63 -11.23 -11.77
CA ALA A 118 1.28 -10.72 -11.56
C ALA A 118 0.24 -11.69 -12.08
N GLN A 119 -0.84 -11.84 -11.30
CA GLN A 119 -2.01 -12.62 -11.71
C GLN A 119 -1.68 -14.08 -11.98
N VAL A 120 -0.78 -14.65 -11.18
CA VAL A 120 -0.41 -16.05 -11.31
C VAL A 120 -1.28 -16.88 -10.37
N ASP A 121 -1.59 -18.11 -10.79
CA ASP A 121 -2.45 -19.00 -10.03
C ASP A 121 -1.72 -20.32 -9.84
N PRO A 122 -1.55 -20.81 -8.60
CA PRO A 122 -1.98 -20.18 -7.35
C PRO A 122 -1.12 -19.00 -6.94
N PRO A 123 -1.72 -18.00 -6.27
CA PRO A 123 -0.96 -16.82 -5.87
C PRO A 123 0.03 -17.15 -4.75
N PHE A 124 0.98 -16.24 -4.57
CA PHE A 124 2.00 -16.39 -3.55
C PHE A 124 1.42 -16.07 -2.17
N MET A 125 1.94 -16.74 -1.15
CA MET A 125 1.48 -16.50 0.21
C MET A 125 2.07 -15.20 0.73
N PRO A 126 1.24 -14.24 1.15
CA PRO A 126 1.77 -12.98 1.69
C PRO A 126 2.52 -13.21 2.99
N PHE A 127 3.53 -12.37 3.22
CA PHE A 127 4.36 -12.50 4.41
C PHE A 127 3.63 -11.97 5.64
N ARG A 128 3.88 -12.61 6.77
CA ARG A 128 3.29 -12.24 8.05
C ARG A 128 4.39 -11.87 9.05
N ASP A 129 3.97 -11.48 10.25
CA ASP A 129 4.90 -11.04 11.28
C ASP A 129 5.46 -12.25 12.03
N ALA A 130 6.36 -11.98 12.98
CA ALA A 130 7.00 -13.01 13.78
C ALA A 130 6.45 -13.10 15.20
N GLY A 131 5.21 -12.65 15.41
CA GLY A 131 4.60 -12.70 16.72
C GLY A 131 3.87 -14.00 16.98
N TYR A 132 3.31 -14.10 18.18
CA TYR A 132 2.60 -15.31 18.59
C TYR A 132 1.09 -15.24 18.38
N SER A 133 0.51 -14.04 18.34
CA SER A 133 -0.91 -13.91 18.12
C SER A 133 -1.25 -14.21 16.66
N ASN A 134 -2.55 -14.32 16.40
CA ASN A 134 -3.03 -14.59 15.04
C ASN A 134 -2.71 -13.41 14.13
N ALA A 135 -2.35 -13.72 12.89
CA ALA A 135 -1.97 -12.68 11.94
C ALA A 135 -3.17 -11.87 11.50
N ASP A 136 -2.99 -10.54 11.41
CA ASP A 136 -4.03 -9.66 10.91
C ASP A 136 -3.47 -8.60 9.97
N PHE A 137 -2.20 -8.70 9.57
CA PHE A 137 -1.55 -7.73 8.72
C PHE A 137 -0.60 -8.47 7.79
N GLU A 138 -0.59 -8.08 6.52
CA GLU A 138 0.22 -8.75 5.52
C GLU A 138 0.92 -7.74 4.63
N ILE A 139 2.18 -8.03 4.29
CA ILE A 139 2.90 -7.32 3.25
C ILE A 139 3.11 -8.27 2.08
N THR A 140 3.19 -7.70 0.89
CA THR A 140 3.29 -8.48 -0.34
C THR A 140 4.69 -8.36 -0.94
N ILE A 141 4.92 -9.12 -2.01
CA ILE A 141 6.17 -9.01 -2.74
C ILE A 141 6.29 -7.63 -3.37
N GLN A 142 5.16 -7.05 -3.79
CA GLN A 142 5.16 -5.69 -4.32
C GLN A 142 5.64 -4.69 -3.28
N ASP A 143 5.33 -4.92 -2.00
CA ASP A 143 5.81 -4.04 -0.94
C ASP A 143 7.32 -4.20 -0.73
N VAL A 144 7.81 -5.43 -0.71
CA VAL A 144 9.22 -5.67 -0.45
C VAL A 144 10.06 -5.17 -1.62
N VAL A 145 9.60 -5.41 -2.85
CA VAL A 145 10.35 -4.96 -4.02
C VAL A 145 10.48 -3.45 -4.04
N TYR A 146 9.36 -2.75 -3.82
CA TYR A 146 9.41 -1.29 -3.80
C TYR A 146 10.23 -0.78 -2.62
N GLY A 147 10.24 -1.50 -1.50
CA GLY A 147 11.05 -1.07 -0.36
C GLY A 147 12.54 -1.26 -0.61
N VAL A 148 12.92 -2.40 -1.20
CA VAL A 148 14.32 -2.64 -1.50
C VAL A 148 14.81 -1.69 -2.58
N TRP A 149 13.97 -1.42 -3.58
CA TRP A 149 14.36 -0.52 -4.66
C TRP A 149 14.53 0.91 -4.17
N ARG A 150 13.60 1.39 -3.32
CA ARG A 150 13.70 2.75 -2.81
C ARG A 150 14.94 2.92 -1.93
N ALA A 151 15.25 1.91 -1.12
CA ALA A 151 16.44 1.98 -0.27
C ALA A 151 17.71 2.05 -1.10
N LYS A 152 17.76 1.30 -2.21
CA LYS A 152 18.92 1.37 -3.08
C LYS A 152 19.05 2.74 -3.72
N GLU A 153 17.93 3.35 -4.11
CA GLU A 153 17.97 4.66 -4.73
C GLU A 153 18.48 5.72 -3.77
N LYS A 154 18.15 5.61 -2.49
CA LYS A 154 18.60 6.55 -1.48
C LYS A 154 20.00 6.24 -0.96
N GLY A 155 20.68 5.24 -1.53
CA GLY A 155 22.03 4.91 -1.10
C GLY A 155 22.10 4.18 0.22
N LEU A 156 21.06 3.42 0.57
CA LEU A 156 21.04 2.68 1.82
C LEU A 156 21.54 1.26 1.68
N ILE A 157 21.57 0.71 0.46
CA ILE A 157 22.01 -0.65 0.20
C ILE A 157 23.04 -0.61 -0.92
N ASP A 158 24.16 -1.30 -0.71
CA ASP A 158 25.21 -1.44 -1.73
C ASP A 158 25.78 -2.84 -1.61
N LEU A 159 25.36 -3.73 -2.51
CA LEU A 159 25.84 -5.11 -2.49
C LEU A 159 27.33 -5.22 -2.76
N HIS A 160 27.92 -4.22 -3.42
CA HIS A 160 29.36 -4.26 -3.66
C HIS A 160 30.13 -4.13 -2.36
N SER A 161 29.61 -3.34 -1.41
CA SER A 161 30.25 -3.16 -0.11
C SER A 161 29.74 -4.17 0.92
N PHE A 162 28.89 -5.11 0.53
CA PHE A 162 28.33 -6.06 1.49
C PHE A 162 29.37 -7.09 1.89
N ASN A 163 29.58 -7.24 3.19
CA ASN A 163 30.51 -8.22 3.76
C ASN A 163 29.68 -9.36 4.34
N LEU A 164 29.70 -10.51 3.66
CA LEU A 164 28.89 -11.64 4.12
C LEU A 164 29.42 -12.22 5.41
N GLU A 165 30.75 -12.26 5.58
CA GLU A 165 31.34 -12.88 6.76
C GLU A 165 30.95 -12.13 8.02
N SER A 166 31.06 -10.80 8.00
CA SER A 166 30.72 -10.02 9.18
C SER A 166 29.22 -9.95 9.39
N TYR A 167 28.43 -10.04 8.31
CA TYR A 167 26.98 -10.02 8.45
C TYR A 167 26.49 -11.24 9.22
N GLU A 168 26.98 -12.43 8.86
CA GLU A 168 26.56 -13.64 9.54
C GLU A 168 27.15 -13.73 10.95
N LYS A 169 28.36 -13.21 11.14
CA LYS A 169 29.00 -13.31 12.45
C LYS A 169 28.24 -12.51 13.50
N TYR A 170 28.07 -11.20 13.25
CA TYR A 170 27.46 -10.32 14.25
C TYR A 170 25.96 -10.51 14.38
N GLU A 171 25.33 -11.29 13.50
CA GLU A 171 23.92 -11.60 13.69
C GLU A 171 23.69 -12.68 14.73
N HIS A 172 24.71 -13.47 15.03
CA HIS A 172 24.58 -14.53 16.03
CA HIS A 172 24.58 -14.53 16.02
C HIS A 172 24.46 -13.94 17.42
N VAL A 173 23.80 -14.69 18.31
CA VAL A 173 23.60 -14.23 19.68
C VAL A 173 24.93 -14.19 20.45
N GLU A 174 25.89 -15.03 20.05
CA GLU A 174 27.17 -15.09 20.74
C GLU A 174 28.06 -13.90 20.43
N PHE A 175 27.81 -13.20 19.32
CA PHE A 175 28.63 -12.07 18.91
C PHE A 175 27.94 -10.73 19.12
N GLY A 176 26.75 -10.71 19.72
CA GLY A 176 26.04 -9.49 20.05
C GLY A 176 24.66 -9.39 19.45
N ASP A 177 24.39 -10.11 18.35
CA ASP A 177 23.08 -10.15 17.70
C ASP A 177 22.64 -8.75 17.27
N PHE A 178 23.25 -8.28 16.18
CA PHE A 178 22.90 -6.98 15.63
C PHE A 178 23.11 -6.99 14.13
N ASN A 179 22.45 -6.02 13.48
CA ASN A 179 22.56 -5.76 12.06
C ASN A 179 22.59 -4.25 11.87
N VAL A 180 23.59 -3.76 11.15
CA VAL A 180 23.61 -2.37 10.73
C VAL A 180 22.63 -2.25 9.55
N LEU A 181 21.55 -1.49 9.76
CA LEU A 181 20.50 -1.41 8.76
C LEU A 181 20.82 -0.38 7.70
N THR A 182 21.19 0.82 8.13
CA THR A 182 21.52 1.94 7.27
C THR A 182 22.88 2.48 7.68
N PRO A 183 23.47 3.37 6.88
CA PRO A 183 24.69 4.08 7.33
C PRO A 183 24.49 4.94 8.57
N ASP A 184 23.29 4.98 9.16
CA ASP A 184 23.03 5.81 10.32
C ASP A 184 22.51 5.03 11.54
N PHE A 185 21.93 3.85 11.35
CA PHE A 185 21.26 3.15 12.43
C PHE A 185 21.78 1.73 12.57
N ILE A 186 21.70 1.22 13.81
CA ILE A 186 22.04 -0.16 14.14
C ILE A 186 21.00 -0.67 15.12
N ALA A 187 20.51 -1.88 14.90
CA ALA A 187 19.52 -2.51 15.76
C ALA A 187 20.12 -3.76 16.37
N PHE A 188 20.08 -3.86 17.69
CA PHE A 188 20.65 -5.00 18.41
C PHE A 188 19.73 -5.40 19.56
N ALA A 189 20.08 -6.49 20.22
CA ALA A 189 19.39 -6.96 21.40
C ALA A 189 20.09 -6.45 22.65
N SER A 190 19.34 -6.33 23.73
CA SER A 190 19.86 -5.78 24.98
C SER A 190 21.03 -6.60 25.50
N PRO A 191 22.20 -6.00 25.70
CA PRO A 191 23.30 -6.73 26.34
C PRO A 191 22.94 -7.10 27.77
N GLN A 192 23.64 -8.09 28.30
CA GLN A 192 23.37 -8.61 29.63
C GLN A 192 24.66 -8.65 30.45
N GLU A 193 24.56 -8.24 31.71
CA GLU A 193 25.69 -8.25 32.64
C GLU A 193 25.26 -9.01 33.89
N ASP A 194 26.09 -9.98 34.30
CA ASP A 194 25.78 -10.79 35.47
C ASP A 194 25.90 -9.99 36.76
N HIS A 206 34.43 -10.43 34.61
CA HIS A 206 34.65 -9.36 33.66
C HIS A 206 33.39 -9.08 32.85
N LEU A 207 33.48 -9.24 31.53
CA LEU A 207 32.35 -9.07 30.64
C LEU A 207 32.30 -10.23 29.65
N ASN A 208 31.10 -10.70 29.33
CA ASN A 208 30.97 -11.83 28.43
C ASN A 208 31.29 -11.42 26.99
N GLN A 209 31.43 -12.43 26.13
CA GLN A 209 31.82 -12.18 24.75
C GLN A 209 30.83 -11.34 23.96
N PRO A 210 29.51 -11.57 24.03
CA PRO A 210 28.60 -10.70 23.24
C PRO A 210 28.66 -9.24 23.64
N PHE A 211 28.79 -8.95 24.94
CA PHE A 211 28.92 -7.56 25.36
C PHE A 211 30.24 -6.96 24.91
N LYS A 212 31.33 -7.73 25.02
CA LYS A 212 32.63 -7.24 24.59
C LYS A 212 32.68 -7.05 23.08
N SER A 213 31.96 -7.88 22.31
CA SER A 213 31.95 -7.71 20.86
C SER A 213 31.16 -6.47 20.45
N VAL A 214 30.13 -6.11 21.21
CA VAL A 214 29.35 -4.91 20.87
C VAL A 214 30.15 -3.65 21.17
N LEU A 215 30.86 -3.63 22.30
CA LEU A 215 31.64 -2.45 22.66
C LEU A 215 32.78 -2.23 21.67
N ASN A 216 33.42 -3.31 21.20
CA ASN A 216 34.50 -3.17 20.24
C ASN A 216 33.99 -2.68 18.90
N PHE A 217 32.83 -3.18 18.46
CA PHE A 217 32.29 -2.77 17.17
C PHE A 217 31.82 -1.33 17.20
N PHE A 218 31.15 -0.91 18.28
CA PHE A 218 30.66 0.45 18.36
C PHE A 218 31.78 1.47 18.43
N ALA A 219 32.90 1.12 19.08
CA ALA A 219 34.02 2.04 19.20
C ALA A 219 34.75 2.25 17.89
N ASN A 220 34.69 1.29 16.97
CA ASN A 220 35.39 1.38 15.70
C ASN A 220 34.47 1.67 14.53
N ASN A 221 33.21 2.04 14.78
CA ASN A 221 32.26 2.31 13.71
C ASN A 221 31.51 3.62 13.94
N ASN A 222 32.05 4.52 14.74
CA ASN A 222 31.52 5.87 14.92
C ASN A 222 30.09 5.85 15.46
N VAL A 223 29.88 5.09 16.54
CA VAL A 223 28.60 5.07 17.24
C VAL A 223 28.66 6.10 18.36
N GLN A 224 27.76 7.08 18.32
CA GLN A 224 27.79 8.19 19.26
C GLN A 224 26.55 8.27 20.15
N LEU A 225 25.62 7.33 20.03
CA LEU A 225 24.41 7.37 20.85
C LEU A 225 23.79 5.99 20.90
N VAL A 226 23.47 5.53 22.11
CA VAL A 226 22.78 4.26 22.33
C VAL A 226 21.46 4.55 23.01
N VAL A 227 20.37 4.03 22.44
CA VAL A 227 19.02 4.26 22.94
C VAL A 227 18.48 2.94 23.47
N ARG A 228 18.18 2.89 24.76
CA ARG A 228 17.63 1.70 25.40
C ARG A 228 16.13 1.82 25.51
N LEU A 229 15.42 0.78 25.08
CA LEU A 229 13.96 0.79 25.04
C LEU A 229 13.32 -0.21 25.99
N ASN A 230 14.10 -1.05 26.66
CA ASN A 230 13.57 -2.05 27.57
C ASN A 230 14.14 -1.82 28.97
N SER A 231 13.73 -2.68 29.91
CA SER A 231 14.18 -2.57 31.29
C SER A 231 15.68 -2.78 31.38
N HIS A 232 16.26 -2.27 32.48
CA HIS A 232 17.71 -2.31 32.65
C HIS A 232 18.18 -3.74 32.84
N LEU A 233 19.04 -4.21 31.93
CA LEU A 233 19.67 -5.51 32.05
C LEU A 233 21.19 -5.41 32.13
N TYR A 234 21.75 -4.20 32.14
CA TYR A 234 23.19 -4.02 32.20
C TYR A 234 23.45 -2.64 32.78
N ASN A 235 24.74 -2.32 32.95
CA ASN A 235 25.17 -1.00 33.41
C ASN A 235 25.51 -0.15 32.21
N LYS A 236 24.82 0.99 32.07
CA LYS A 236 25.04 1.87 30.92
C LYS A 236 26.36 2.62 30.99
N LYS A 237 27.14 2.46 32.06
CA LYS A 237 28.42 3.15 32.16
C LYS A 237 29.44 2.61 31.18
N HIS A 238 29.30 1.34 30.77
CA HIS A 238 30.27 0.76 29.84
C HIS A 238 30.25 1.46 28.48
N PHE A 239 29.09 1.98 28.07
CA PHE A 239 29.03 2.78 26.85
C PHE A 239 29.59 4.17 27.06
N GLU A 240 29.34 4.76 28.24
CA GLU A 240 29.86 6.08 28.55
C GLU A 240 31.35 6.07 28.86
N ASP A 241 31.90 4.92 29.26
CA ASP A 241 33.34 4.84 29.51
C ASP A 241 34.14 4.97 28.22
N ILE A 242 33.56 4.55 27.09
CA ILE A 242 34.24 4.64 25.80
C ILE A 242 33.78 5.85 25.00
N GLY A 243 32.97 6.73 25.59
CA GLY A 243 32.59 7.97 24.95
C GLY A 243 31.36 7.87 24.06
N ILE A 244 30.33 7.17 24.54
CA ILE A 244 29.07 7.03 23.81
C ILE A 244 27.95 7.47 24.73
N GLN A 245 27.12 8.40 24.25
CA GLN A 245 26.00 8.89 25.05
C GLN A 245 24.91 7.84 25.14
N HIS A 246 24.37 7.66 26.34
CA HIS A 246 23.31 6.70 26.60
C HIS A 246 22.01 7.43 26.87
N LEU A 247 20.90 6.87 26.39
CA LEU A 247 19.59 7.50 26.53
C LEU A 247 18.53 6.42 26.69
N ASP A 248 17.59 6.67 27.61
CA ASP A 248 16.50 5.75 27.89
C ASP A 248 15.20 6.31 27.34
N LEU A 249 14.56 5.56 26.44
CA LEU A 249 13.21 5.84 25.97
C LEU A 249 12.39 4.55 26.09
N ILE A 250 12.19 4.12 27.33
CA ILE A 250 11.69 2.78 27.62
C ILE A 250 10.18 2.78 27.61
N PHE A 251 9.59 1.78 26.95
CA PHE A 251 8.17 1.53 27.04
C PHE A 251 7.95 0.02 26.95
N GLU A 252 6.73 -0.40 27.28
CA GLU A 252 6.45 -1.81 27.52
C GLU A 252 6.63 -2.65 26.26
N ASP A 253 7.19 -3.84 26.43
CA ASP A 253 7.44 -4.74 25.31
C ASP A 253 6.11 -5.16 24.67
N GLY A 254 6.07 -5.12 23.34
CA GLY A 254 4.87 -5.45 22.60
C GLY A 254 3.89 -4.31 22.43
N THR A 255 4.13 -3.17 23.05
CA THR A 255 3.23 -2.02 22.95
C THR A 255 3.72 -1.06 21.88
N CYS A 256 2.94 -0.01 21.65
CA CYS A 256 3.25 1.01 20.66
C CYS A 256 3.70 2.30 21.35
N PRO A 257 4.76 2.94 20.87
CA PRO A 257 5.27 4.12 21.55
C PRO A 257 4.38 5.33 21.36
N ASP A 258 4.31 6.15 22.41
CA ASP A 258 3.61 7.42 22.31
C ASP A 258 4.32 8.33 21.32
N LEU A 259 3.54 9.16 20.62
CA LEU A 259 4.11 10.04 19.60
C LEU A 259 5.10 11.04 20.18
N SER A 260 4.99 11.36 21.46
CA SER A 260 5.99 12.22 22.10
C SER A 260 7.33 11.52 22.22
N ILE A 261 7.33 10.20 22.42
CA ILE A 261 8.57 9.44 22.43
C ILE A 261 9.17 9.38 21.04
N VAL A 262 8.31 9.23 20.02
CA VAL A 262 8.79 9.16 18.65
C VAL A 262 9.38 10.50 18.21
N LYS A 263 8.73 11.60 18.58
CA LYS A 263 9.26 12.92 18.25
C LYS A 263 10.61 13.14 18.91
N ASN A 264 10.77 12.73 20.16
CA ASN A 264 12.05 12.88 20.84
C ASN A 264 13.13 12.03 20.19
N PHE A 265 12.77 10.83 19.73
CA PHE A 265 13.76 9.96 19.10
C PHE A 265 14.25 10.55 17.78
N VAL A 266 13.33 11.13 16.99
CA VAL A 266 13.72 11.70 15.70
C VAL A 266 14.70 12.85 15.89
N GLY A 267 14.38 13.77 16.79
CA GLY A 267 15.27 14.89 17.03
C GLY A 267 16.61 14.45 17.60
N ALA A 268 16.60 13.43 18.45
CA ALA A 268 17.86 12.93 19.00
C ALA A 268 18.72 12.29 17.92
N ALA A 269 18.09 11.55 17.00
CA ALA A 269 18.85 10.89 15.94
C ALA A 269 19.32 11.88 14.89
N GLU A 270 18.49 12.88 14.58
CA GLU A 270 18.89 13.90 13.62
C GLU A 270 20.09 14.70 14.12
N THR A 271 20.20 14.89 15.44
CA THR A 271 21.36 15.60 15.98
C THR A 271 22.64 14.79 15.79
N ILE A 272 22.58 13.48 16.02
CA ILE A 272 23.75 12.64 15.84
C ILE A 272 24.08 12.49 14.35
N ILE A 273 23.06 12.42 13.51
CA ILE A 273 23.29 12.33 12.06
C ILE A 273 23.98 13.60 11.56
N LYS A 274 23.61 14.76 12.12
CA LYS A 274 24.25 16.01 11.73
C LYS A 274 25.74 15.99 12.07
N ARG A 275 26.10 15.39 13.21
CA ARG A 275 27.50 15.29 13.61
CA ARG A 275 27.51 15.30 13.60
C ARG A 275 28.27 14.26 12.80
N GLY A 276 27.58 13.35 12.12
CA GLY A 276 28.21 12.32 11.34
C GLY A 276 28.33 10.96 12.01
N GLY A 277 27.67 10.76 13.15
CA GLY A 277 27.75 9.50 13.87
C GLY A 277 26.55 8.61 13.60
N LYS A 278 26.57 7.45 14.26
CA LYS A 278 25.52 6.45 14.14
C LYS A 278 24.78 6.31 15.46
N ILE A 279 23.53 5.85 15.37
CA ILE A 279 22.69 5.63 16.53
C ILE A 279 22.40 4.14 16.64
N ALA A 280 22.50 3.60 17.85
CA ALA A 280 22.30 2.19 18.12
C ALA A 280 21.09 2.03 19.04
N VAL A 281 20.04 1.41 18.53
CA VAL A 281 18.77 1.26 19.25
C VAL A 281 18.58 -0.20 19.59
N HIS A 282 18.02 -0.46 20.78
CA HIS A 282 17.79 -1.83 21.21
C HIS A 282 16.61 -1.88 22.19
N CYS A 283 15.78 -2.91 22.04
CA CYS A 283 14.90 -3.34 23.11
C CYS A 283 15.48 -4.63 23.69
N LYS A 284 14.64 -5.60 24.05
CA LYS A 284 15.19 -6.85 24.54
C LYS A 284 15.67 -7.74 23.40
N ALA A 285 14.92 -7.79 22.30
CA ALA A 285 15.31 -8.56 21.13
C ALA A 285 15.73 -7.70 19.94
N GLY A 286 15.48 -6.39 19.99
CA GLY A 286 15.82 -5.53 18.88
C GLY A 286 14.99 -5.75 17.64
N LEU A 287 13.71 -6.07 17.81
CA LEU A 287 12.83 -6.32 16.68
C LEU A 287 11.58 -5.45 16.74
N GLY A 288 10.82 -5.57 17.82
CA GLY A 288 9.53 -4.91 17.92
C GLY A 288 9.60 -3.43 18.24
N ARG A 289 9.94 -3.11 19.49
CA ARG A 289 10.05 -1.71 19.88
C ARG A 289 11.11 -0.97 19.09
N THR A 290 12.21 -1.66 18.75
CA THR A 290 13.26 -1.04 17.97
C THR A 290 12.79 -0.71 16.56
N GLY A 291 11.93 -1.53 15.98
CA GLY A 291 11.46 -1.28 14.63
C GLY A 291 10.52 -0.10 14.53
N CYS A 292 9.79 0.19 15.60
CA CYS A 292 8.86 1.32 15.58
C CYS A 292 9.60 2.65 15.42
N LEU A 293 10.61 2.87 16.24
CA LEU A 293 11.30 4.16 16.24
C LEU A 293 12.17 4.32 15.00
N ILE A 294 12.95 3.29 14.66
CA ILE A 294 13.78 3.37 13.46
C ILE A 294 12.91 3.40 12.21
N GLY A 295 11.79 2.68 12.23
CA GLY A 295 10.89 2.71 11.09
C GLY A 295 10.23 4.06 10.91
N ALA A 296 9.91 4.74 12.01
CA ALA A 296 9.31 6.06 11.92
C ALA A 296 10.30 7.10 11.39
N HIS A 297 11.59 6.91 11.66
CA HIS A 297 12.58 7.85 11.15
C HIS A 297 12.84 7.65 9.66
N LEU A 298 12.87 6.40 9.21
CA LEU A 298 13.06 6.12 7.79
C LEU A 298 11.92 6.69 6.95
N ILE A 299 10.69 6.59 7.45
CA ILE A 299 9.55 7.19 6.78
C ILE A 299 9.65 8.70 6.82
N TYR A 300 10.13 9.23 7.94
CA TYR A 300 10.29 10.68 8.07
C TYR A 300 11.36 11.21 7.13
N THR A 301 12.44 10.46 6.93
CA THR A 301 13.56 10.98 6.16
C THR A 301 13.39 10.75 4.66
N TYR A 302 13.10 9.51 4.26
CA TYR A 302 13.11 9.13 2.85
C TYR A 302 11.72 8.90 2.28
N GLY A 303 10.67 9.01 3.08
CA GLY A 303 9.32 8.88 2.55
C GLY A 303 8.89 7.47 2.21
N PHE A 304 9.38 6.47 2.94
CA PHE A 304 8.91 5.11 2.75
C PHE A 304 7.42 5.01 3.10
N THR A 305 6.71 4.17 2.38
CA THR A 305 5.40 3.75 2.86
C THR A 305 5.57 2.83 4.06
N ALA A 306 4.48 2.63 4.81
CA ALA A 306 4.54 1.75 5.96
C ALA A 306 4.90 0.33 5.55
N ASN A 307 4.33 -0.15 4.45
CA ASN A 307 4.63 -1.52 4.01
C ASN A 307 6.04 -1.62 3.45
N GLU A 308 6.48 -0.63 2.68
CA GLU A 308 7.85 -0.64 2.17
C GLU A 308 8.85 -0.62 3.32
N CYS A 309 8.57 0.14 4.38
CA CYS A 309 9.51 0.25 5.48
C CYS A 309 9.62 -1.06 6.24
N ILE A 310 8.50 -1.76 6.44
CA ILE A 310 8.55 -3.04 7.13
C ILE A 310 9.29 -4.07 6.29
N GLY A 311 9.02 -4.09 4.98
CA GLY A 311 9.70 -5.04 4.11
C GLY A 311 11.19 -4.80 4.01
N PHE A 312 11.61 -3.54 4.06
CA PHE A 312 13.03 -3.23 3.99
C PHE A 312 13.75 -3.61 5.28
N LEU A 313 13.12 -3.40 6.43
CA LEU A 313 13.75 -3.75 7.70
C LEU A 313 13.90 -5.26 7.84
N ARG A 314 12.87 -6.02 7.45
CA ARG A 314 12.96 -7.47 7.52
C ARG A 314 13.92 -8.04 6.48
N PHE A 315 14.17 -7.32 5.39
CA PHE A 315 15.16 -7.76 4.41
C PHE A 315 16.57 -7.69 4.97
N ILE A 316 16.81 -6.81 5.94
CA ILE A 316 18.10 -6.71 6.61
C ILE A 316 18.11 -7.48 7.92
N ARG A 317 17.07 -7.30 8.73
CA ARG A 317 16.94 -7.95 10.04
C ARG A 317 15.54 -8.53 10.15
N PRO A 318 15.37 -9.83 9.95
CA PRO A 318 14.02 -10.41 9.93
C PRO A 318 13.34 -10.33 11.29
N GLY A 319 12.02 -10.12 11.24
CA GLY A 319 11.20 -10.16 12.44
C GLY A 319 10.88 -8.83 13.08
N MET A 320 11.29 -7.71 12.47
CA MET A 320 11.04 -6.40 13.07
C MET A 320 9.60 -5.96 12.84
N VAL A 321 9.09 -5.16 13.78
CA VAL A 321 7.71 -4.68 13.80
C VAL A 321 6.77 -5.86 13.97
N VAL A 322 6.25 -6.04 15.19
CA VAL A 322 5.53 -7.25 15.58
C VAL A 322 4.12 -6.87 16.01
N GLY A 323 3.13 -7.64 15.53
CA GLY A 323 1.77 -7.56 16.01
C GLY A 323 1.10 -6.22 15.77
N PRO A 324 0.56 -5.63 16.84
CA PRO A 324 -0.16 -4.34 16.69
C PRO A 324 0.74 -3.20 16.26
N GLN A 325 2.06 -3.37 16.32
CA GLN A 325 2.95 -2.33 15.83
C GLN A 325 2.85 -2.16 14.33
N GLN A 326 2.44 -3.22 13.61
CA GLN A 326 2.28 -3.12 12.17
C GLN A 326 1.14 -2.18 11.80
N HIS A 327 -0.01 -2.33 12.46
CA HIS A 327 -1.11 -1.40 12.21
C HIS A 327 -0.81 -0.01 12.73
N TRP A 328 0.01 0.09 13.79
CA TRP A 328 0.38 1.40 14.32
C TRP A 328 1.25 2.17 13.34
N LEU A 329 2.28 1.52 12.80
CA LEU A 329 3.13 2.15 11.79
C LEU A 329 2.35 2.49 10.53
N TYR A 330 1.25 1.77 10.26
CA TYR A 330 0.48 2.01 9.05
C TYR A 330 -0.43 3.23 9.19
N LEU A 331 -1.02 3.42 10.36
CA LEU A 331 -1.95 4.52 10.59
C LEU A 331 -1.27 5.82 10.98
N HIS A 332 0.04 5.80 11.26
CA HIS A 332 0.79 6.99 11.64
C HIS A 332 1.86 7.37 10.64
N GLN A 333 1.90 6.73 9.48
CA GLN A 333 2.93 7.06 8.48
C GLN A 333 2.75 8.47 7.95
N ASN A 334 1.53 9.00 7.94
CA ASN A 334 1.32 10.37 7.47
C ASN A 334 1.89 11.38 8.46
N ASP A 335 1.80 11.09 9.76
CA ASP A 335 2.37 12.00 10.76
C ASP A 335 3.89 12.00 10.71
N PHE A 336 4.50 10.87 10.33
CA PHE A 336 5.95 10.81 10.25
C PHE A 336 6.48 11.66 9.09
N ARG A 337 5.83 11.57 7.93
CA ARG A 337 6.24 12.40 6.79
C ARG A 337 5.79 13.86 6.96
N GLU A 338 4.89 14.14 7.89
CA GLU A 338 4.44 15.51 8.11
C GLU A 338 5.47 16.34 8.87
N TRP A 339 6.24 15.71 9.76
CA TRP A 339 7.19 16.45 10.58
C TRP A 339 8.28 17.12 9.76
N LYS A 340 8.51 16.66 8.53
CA LYS A 340 9.52 17.30 7.68
C LYS A 340 9.12 18.72 7.31
N TYR A 341 7.83 19.02 7.29
CA TYR A 341 7.34 20.32 6.87
C TYR A 341 6.73 21.14 7.99
N THR A 342 6.37 20.53 9.10
CA THR A 342 5.77 21.26 10.22
C THR A 342 6.74 21.51 11.36
N THR A 343 7.88 20.80 11.40
CA THR A 343 8.82 20.92 12.50
C THR A 343 10.21 21.21 11.95
N ARG A 344 11.16 21.41 12.86
CA ARG A 344 12.56 21.64 12.55
C ARG A 344 13.35 21.48 13.84
N ILE A 345 14.64 21.16 13.68
CA ILE A 345 15.51 20.95 14.84
C ILE A 345 15.61 22.25 15.63
N SER A 346 15.40 22.15 16.94
CA SER A 346 15.44 23.32 17.80
C SER A 346 16.89 23.79 18.00
N LEU A 347 17.03 25.09 18.28
CA LEU A 347 18.34 25.67 18.55
C LEU A 347 18.76 25.54 20.01
N LYS A 348 17.86 25.06 20.88
CA LYS A 348 18.16 24.88 22.29
C LYS A 348 18.06 23.41 22.66
N PRO A 349 19.01 22.90 23.45
CA PRO A 349 18.96 21.49 23.85
C PRO A 349 17.81 21.21 24.80
N SER A 350 17.48 19.93 24.93
CA SER A 350 16.40 19.47 25.80
C SER A 350 16.94 18.42 26.77
N GLU A 351 16.48 18.51 28.02
CA GLU A 351 16.88 17.53 29.03
C GLU A 351 16.25 16.16 28.79
N ALA A 352 15.17 16.10 28.00
CA ALA A 352 14.50 14.83 27.78
C ALA A 352 15.32 13.89 26.91
N ILE A 353 16.19 14.44 26.06
CA ILE A 353 17.03 13.63 25.19
C ILE A 353 18.50 13.83 25.54
N GLY A 354 18.77 14.10 26.82
CA GLY A 354 20.13 14.14 27.32
C GLY A 354 21.02 15.19 26.68
N GLY A 355 20.49 16.40 26.49
CA GLY A 355 21.27 17.48 25.94
C GLY A 355 21.24 17.61 24.43
N LEU A 356 20.52 16.71 23.74
CA LEU A 356 20.39 16.82 22.30
C LEU A 356 19.28 17.81 21.95
N TYR A 357 19.20 18.15 20.66
CA TYR A 357 18.24 19.15 20.19
C TYR A 357 17.00 18.46 19.67
N PRO A 358 15.81 18.77 20.19
CA PRO A 358 14.60 18.08 19.75
C PRO A 358 13.91 18.75 18.56
N LEU A 359 12.65 18.41 18.33
CA LEU A 359 11.87 18.95 17.23
C LEU A 359 10.87 19.98 17.76
N ILE A 360 10.85 21.15 17.13
CA ILE A 360 9.87 22.19 17.43
C ILE A 360 9.27 22.67 16.11
N SER A 361 8.06 23.21 16.19
CA SER A 361 7.40 23.70 15.00
C SER A 361 8.08 24.97 14.49
N LEU A 362 7.72 25.36 13.27
CA LEU A 362 8.33 26.54 12.67
C LEU A 362 7.98 27.81 13.43
N GLU A 363 6.83 27.84 14.10
CA GLU A 363 6.42 29.04 14.83
C GLU A 363 7.43 29.37 15.93
N GLU A 364 7.82 28.38 16.72
CA GLU A 364 8.80 28.60 17.77
C GLU A 364 10.22 28.71 17.22
N TYR A 365 10.47 28.21 16.02
CA TYR A 365 11.82 28.21 15.48
C TYR A 365 12.22 29.57 14.93
N ARG A 366 11.35 30.18 14.12
CA ARG A 366 11.65 31.49 13.57
C ARG A 366 11.70 32.58 14.63
N LEU A 367 11.14 32.31 15.81
CA LEU A 367 11.25 33.26 16.92
C LEU A 367 12.67 33.26 17.48
N GLN A 368 13.28 32.08 17.60
CA GLN A 368 14.68 32.00 18.01
C GLN A 368 15.60 32.67 16.99
N LYS A 369 15.20 32.69 15.71
CA LYS A 369 16.09 33.14 14.63
C LYS A 369 16.74 34.48 14.95
N LYS A 370 15.96 35.45 15.41
CA LYS A 370 16.47 36.74 15.87
C LYS A 370 16.66 36.76 17.39
N LYS A 371 15.58 36.52 18.13
CA LYS A 371 15.62 36.52 19.59
C LYS A 371 16.59 35.48 20.15
N VAL B 4 29.81 -10.42 -13.40
CA VAL B 4 28.36 -10.19 -13.40
C VAL B 4 27.80 -10.39 -14.80
N PRO B 5 26.99 -11.43 -14.98
CA PRO B 5 26.39 -11.69 -16.30
C PRO B 5 25.44 -10.57 -16.70
N ALA B 6 25.41 -10.30 -18.01
CA ALA B 6 24.57 -9.25 -18.57
C ALA B 6 23.13 -9.76 -18.61
N LEU B 7 22.33 -9.34 -17.62
CA LEU B 7 20.93 -9.72 -17.53
C LEU B 7 20.05 -8.48 -17.41
N ASN B 8 20.42 -7.43 -18.13
CA ASN B 8 19.63 -6.20 -18.10
C ASN B 8 18.30 -6.40 -18.82
N TYR B 9 17.35 -5.54 -18.49
CA TYR B 9 16.01 -5.63 -19.07
C TYR B 9 16.04 -5.14 -20.51
N PRO B 10 15.59 -5.94 -21.48
CA PRO B 10 15.51 -5.63 -22.92
C PRO B 10 15.02 -4.21 -23.21
N SER C 4 -18.99 -25.37 11.64
CA SER C 4 -19.20 -26.80 11.50
C SER C 4 -17.87 -27.55 11.56
N VAL C 5 -17.93 -28.81 12.01
CA VAL C 5 -16.71 -29.60 12.18
C VAL C 5 -16.31 -30.25 10.86
N TYR C 6 -17.27 -30.82 10.14
CA TYR C 6 -16.97 -31.58 8.92
C TYR C 6 -16.80 -30.71 7.69
N LEU C 7 -16.87 -29.39 7.82
CA LEU C 7 -16.76 -28.50 6.67
C LEU C 7 -15.30 -28.21 6.35
N ASP C 8 -14.98 -28.22 5.06
CA ASP C 8 -13.64 -27.94 4.57
C ASP C 8 -13.66 -26.67 3.73
N ASN C 9 -12.54 -25.93 3.80
CA ASN C 9 -12.38 -24.67 3.07
C ASN C 9 -13.46 -23.67 3.47
N THR C 10 -13.72 -23.56 4.77
CA THR C 10 -14.69 -22.63 5.32
C THR C 10 -14.01 -21.76 6.36
N ILE C 11 -14.27 -20.45 6.31
CA ILE C 11 -13.66 -19.48 7.21
C ILE C 11 -14.71 -19.00 8.19
N GLU C 12 -14.32 -18.90 9.46
CA GLU C 12 -15.21 -18.47 10.53
C GLU C 12 -15.03 -16.98 10.79
N PHE C 13 -16.11 -16.21 10.61
CA PHE C 13 -16.11 -14.80 10.98
C PHE C 13 -16.74 -14.60 12.35
N LEU C 14 -18.06 -14.73 12.42
CA LEU C 14 -18.77 -14.76 13.69
C LEU C 14 -19.09 -16.22 14.03
N ARG C 15 -18.56 -16.70 15.14
CA ARG C 15 -18.71 -18.11 15.51
C ARG C 15 -20.18 -18.45 15.71
N GLY C 16 -20.63 -19.50 15.03
CA GLY C 16 -22.01 -19.94 15.11
C GLY C 16 -23.00 -19.10 14.35
N ARG C 17 -22.56 -18.05 13.65
CA ARG C 17 -23.47 -17.17 12.95
C ARG C 17 -23.05 -16.96 11.50
N VAL C 18 -21.83 -16.48 11.28
CA VAL C 18 -21.34 -16.10 9.96
C VAL C 18 -20.16 -16.98 9.59
N TYR C 19 -20.17 -17.49 8.35
CA TYR C 19 -19.08 -18.29 7.83
C TYR C 19 -18.89 -17.98 6.35
N LEU C 20 -17.65 -18.12 5.88
CA LEU C 20 -17.29 -17.88 4.50
C LEU C 20 -16.71 -19.17 3.92
N GLY C 21 -17.41 -19.75 2.94
CA GLY C 21 -17.00 -20.99 2.33
C GLY C 21 -16.62 -20.83 0.86
N ALA C 22 -16.10 -21.93 0.30
CA ALA C 22 -15.70 -21.94 -1.11
C ALA C 22 -15.74 -23.39 -1.57
N TYR C 23 -16.74 -23.73 -2.39
CA TYR C 23 -16.92 -25.10 -2.86
C TYR C 23 -17.24 -25.10 -4.35
N ASP C 24 -16.81 -26.16 -5.03
CA ASP C 24 -17.18 -26.42 -6.42
C ASP C 24 -18.44 -27.27 -6.54
N TYR C 25 -19.30 -27.24 -5.52
CA TYR C 25 -20.55 -27.97 -5.54
C TYR C 25 -21.58 -27.18 -4.76
N THR C 26 -22.84 -27.60 -4.86
CA THR C 26 -23.92 -26.96 -4.13
C THR C 26 -24.14 -27.69 -2.81
N PRO C 27 -23.77 -27.11 -1.68
CA PRO C 27 -23.97 -27.81 -0.40
C PRO C 27 -25.44 -27.79 0.01
N GLU C 28 -25.80 -28.79 0.81
CA GLU C 28 -27.18 -28.96 1.27
C GLU C 28 -27.34 -28.38 2.67
N ASP C 29 -28.49 -27.75 2.90
CA ASP C 29 -28.78 -27.17 4.20
C ASP C 29 -29.09 -28.27 5.22
N THR C 30 -28.76 -27.99 6.48
CA THR C 30 -29.03 -28.90 7.58
C THR C 30 -29.91 -28.19 8.61
N ASP C 31 -30.14 -28.86 9.74
CA ASP C 31 -30.88 -28.23 10.83
C ASP C 31 -30.06 -27.17 11.56
N GLU C 32 -28.74 -27.15 11.36
CA GLU C 32 -27.87 -26.18 12.00
C GLU C 32 -27.15 -25.27 11.03
N LEU C 33 -27.26 -25.49 9.72
CA LEU C 33 -26.55 -24.71 8.73
C LEU C 33 -27.48 -24.30 7.60
N VAL C 34 -27.15 -23.18 6.97
CA VAL C 34 -27.88 -22.69 5.80
C VAL C 34 -26.86 -22.02 4.87
N PHE C 35 -26.88 -22.41 3.61
CA PHE C 35 -25.90 -21.94 2.63
C PHE C 35 -26.58 -21.08 1.58
N PHE C 36 -25.87 -20.06 1.10
CA PHE C 36 -26.38 -19.21 0.04
C PHE C 36 -25.22 -18.59 -0.71
N THR C 37 -25.43 -18.31 -2.00
CA THR C 37 -24.44 -17.69 -2.86
C THR C 37 -25.14 -16.70 -3.77
N VAL C 38 -24.36 -15.74 -4.28
CA VAL C 38 -24.92 -14.66 -5.10
C VAL C 38 -24.13 -14.54 -6.40
N GLU C 39 -23.42 -15.60 -6.78
CA GLU C 39 -22.65 -15.55 -8.02
C GLU C 39 -23.55 -15.44 -9.24
N ASP C 40 -24.69 -16.13 -9.24
CA ASP C 40 -25.55 -16.16 -10.41
C ASP C 40 -26.35 -14.87 -10.60
N ALA C 41 -26.43 -14.02 -9.57
CA ALA C 41 -27.20 -12.79 -9.65
C ALA C 41 -26.38 -11.53 -9.45
N ILE C 42 -25.33 -11.57 -8.63
CA ILE C 42 -24.49 -10.42 -8.35
C ILE C 42 -23.11 -10.74 -8.90
N PHE C 43 -22.81 -10.26 -10.11
CA PHE C 43 -21.56 -10.56 -10.78
C PHE C 43 -20.86 -9.26 -11.18
N TYR C 44 -19.65 -9.41 -11.70
CA TYR C 44 -18.80 -8.28 -12.07
C TYR C 44 -18.67 -8.21 -13.58
N ASN C 45 -18.80 -7.00 -14.12
CA ASN C 45 -18.65 -6.77 -15.56
C ASN C 45 -17.21 -6.39 -15.84
N SER C 46 -16.56 -7.14 -16.73
CA SER C 46 -15.14 -6.98 -17.01
C SER C 46 -14.93 -6.15 -18.27
N PHE C 47 -14.11 -5.11 -18.16
CA PHE C 47 -13.65 -4.41 -19.35
C PHE C 47 -12.75 -5.30 -20.18
N HIS C 48 -11.80 -5.97 -19.52
CA HIS C 48 -10.87 -6.86 -20.19
C HIS C 48 -10.54 -8.06 -19.31
N LEU C 49 -9.47 -7.96 -18.53
CA LEU C 49 -9.04 -9.04 -17.65
C LEU C 49 -9.14 -8.69 -16.17
N ASP C 50 -9.85 -7.60 -15.83
CA ASP C 50 -10.18 -7.32 -14.44
C ASP C 50 -11.39 -8.14 -14.02
N PHE C 51 -11.39 -8.56 -12.75
CA PHE C 51 -12.46 -9.39 -12.22
C PHE C 51 -13.12 -8.83 -10.98
N GLY C 52 -12.54 -7.84 -10.32
CA GLY C 52 -13.11 -7.28 -9.13
C GLY C 52 -12.37 -6.05 -8.66
N PRO C 53 -12.71 -5.55 -7.46
CA PRO C 53 -13.73 -6.12 -6.58
C PRO C 53 -15.17 -5.72 -6.93
N MET C 54 -16.13 -6.20 -6.17
CA MET C 54 -17.52 -5.81 -6.39
C MET C 54 -17.74 -4.37 -5.93
N ASN C 55 -18.59 -3.65 -6.66
CA ASN C 55 -18.80 -2.24 -6.36
C ASN C 55 -19.83 -2.08 -5.24
N ILE C 56 -20.14 -0.82 -4.91
CA ILE C 56 -21.04 -0.54 -3.80
C ILE C 56 -22.46 -0.98 -4.12
N GLY C 57 -22.86 -0.94 -5.39
CA GLY C 57 -24.16 -1.45 -5.78
C GLY C 57 -24.28 -2.95 -5.59
N HIS C 58 -23.18 -3.67 -5.74
CA HIS C 58 -23.18 -5.10 -5.47
C HIS C 58 -23.29 -5.39 -3.97
N LEU C 59 -22.64 -4.57 -3.15
CA LEU C 59 -22.71 -4.76 -1.70
C LEU C 59 -24.13 -4.56 -1.18
N TYR C 60 -24.80 -3.51 -1.67
CA TYR C 60 -26.17 -3.23 -1.21
C TYR C 60 -27.11 -4.37 -1.57
N ARG C 61 -27.01 -4.88 -2.80
CA ARG C 61 -27.83 -6.03 -3.18
C ARG C 61 -27.46 -7.28 -2.39
N PHE C 62 -26.18 -7.41 -2.01
CA PHE C 62 -25.78 -8.52 -1.16
C PHE C 62 -26.31 -8.34 0.26
N ALA C 63 -26.42 -7.10 0.73
CA ALA C 63 -26.86 -6.86 2.10
C ALA C 63 -28.32 -7.23 2.30
N VAL C 64 -29.17 -6.91 1.33
CA VAL C 64 -30.60 -7.21 1.49
C VAL C 64 -30.84 -8.71 1.43
N ILE C 65 -30.06 -9.44 0.63
CA ILE C 65 -30.19 -10.90 0.60
C ILE C 65 -29.65 -11.50 1.89
N PHE C 66 -28.56 -10.94 2.42
CA PHE C 66 -28.01 -11.42 3.67
C PHE C 66 -28.97 -11.16 4.84
N HIS C 67 -29.64 -10.01 4.82
CA HIS C 67 -30.52 -9.66 5.93
C HIS C 67 -31.81 -10.48 5.89
N GLU C 68 -32.33 -10.77 4.70
CA GLU C 68 -33.56 -11.55 4.59
C GLU C 68 -33.34 -13.02 4.93
N ILE C 69 -32.09 -13.46 5.08
CA ILE C 69 -31.80 -14.83 5.49
C ILE C 69 -31.52 -14.85 6.98
N LEU C 70 -30.91 -13.77 7.48
CA LEU C 70 -30.60 -13.69 8.92
C LEU C 70 -31.87 -13.65 9.76
N ASN C 71 -32.90 -12.95 9.28
CA ASN C 71 -34.11 -12.72 10.05
C ASN C 71 -35.25 -13.68 9.68
N ASP C 72 -34.96 -14.72 8.90
CA ASP C 72 -35.97 -15.72 8.62
C ASP C 72 -36.13 -16.62 9.83
N PRO C 73 -37.34 -16.72 10.40
CA PRO C 73 -37.52 -17.58 11.58
C PRO C 73 -37.16 -19.03 11.35
N GLU C 74 -37.19 -19.52 10.10
CA GLU C 74 -36.73 -20.88 9.82
C GLU C 74 -35.24 -21.03 10.07
N ASN C 75 -34.48 -19.95 9.90
CA ASN C 75 -33.04 -19.94 10.18
C ASN C 75 -32.74 -19.30 11.54
N ALA C 76 -33.50 -19.65 12.56
CA ALA C 76 -33.37 -18.99 13.85
C ALA C 76 -32.06 -19.37 14.54
N ASN C 77 -31.78 -20.67 14.63
CA ASN C 77 -30.61 -21.16 15.36
C ASN C 77 -29.58 -21.79 14.43
N LYS C 78 -29.56 -21.37 13.17
CA LYS C 78 -28.59 -21.88 12.20
C LYS C 78 -27.46 -20.88 12.01
N ALA C 79 -26.34 -21.39 11.49
CA ALA C 79 -25.19 -20.57 11.13
C ALA C 79 -25.19 -20.38 9.62
N VAL C 80 -25.24 -19.12 9.18
CA VAL C 80 -25.30 -18.82 7.75
C VAL C 80 -23.90 -18.92 7.16
N VAL C 81 -23.80 -19.55 6.00
CA VAL C 81 -22.53 -19.77 5.31
C VAL C 81 -22.64 -19.14 3.93
N PHE C 82 -21.97 -18.00 3.74
CA PHE C 82 -21.89 -17.35 2.44
C PHE C 82 -20.69 -17.94 1.70
N TYR C 83 -20.92 -18.46 0.50
CA TYR C 83 -19.88 -19.18 -0.23
C TYR C 83 -19.83 -18.72 -1.69
N SER C 84 -18.86 -19.26 -2.41
CA SER C 84 -18.67 -18.99 -3.83
C SER C 84 -17.99 -20.21 -4.46
N SER C 85 -17.57 -20.08 -5.71
CA SER C 85 -16.82 -21.14 -6.35
C SER C 85 -15.40 -21.20 -5.79
N ALA C 86 -14.66 -22.22 -6.21
CA ALA C 86 -13.33 -22.48 -5.68
C ALA C 86 -12.22 -21.69 -6.37
N SER C 87 -12.55 -20.91 -7.41
CA SER C 87 -11.53 -20.13 -8.09
C SER C 87 -11.02 -19.02 -7.18
N THR C 88 -9.73 -18.71 -7.31
CA THR C 88 -9.13 -17.67 -6.47
C THR C 88 -9.70 -16.29 -6.78
N ARG C 89 -10.12 -16.06 -8.02
CA ARG C 89 -10.70 -14.77 -8.37
C ARG C 89 -12.06 -14.58 -7.71
N GLN C 90 -12.91 -15.60 -7.76
CA GLN C 90 -14.24 -15.50 -7.15
C GLN C 90 -14.18 -15.60 -5.63
N ARG C 91 -13.12 -16.19 -5.07
CA ARG C 91 -12.95 -16.18 -3.62
C ARG C 91 -12.51 -14.82 -3.10
N ALA C 92 -11.87 -14.01 -3.95
CA ALA C 92 -11.47 -12.67 -3.54
C ALA C 92 -12.65 -11.70 -3.52
N ASN C 93 -13.53 -11.78 -4.53
CA ASN C 93 -14.67 -10.89 -4.57
C ASN C 93 -15.66 -11.20 -3.44
N ALA C 94 -15.84 -12.48 -3.11
CA ALA C 94 -16.74 -12.85 -2.03
C ALA C 94 -16.19 -12.43 -0.67
N ALA C 95 -14.89 -12.64 -0.46
CA ALA C 95 -14.30 -12.28 0.83
C ALA C 95 -14.20 -10.77 0.99
N CYS C 96 -13.85 -10.06 -0.08
CA CYS C 96 -13.74 -8.60 0.01
C CYS C 96 -15.10 -7.97 0.23
N MET C 97 -16.14 -8.47 -0.44
CA MET C 97 -17.47 -7.91 -0.26
C MET C 97 -18.01 -8.20 1.13
N LEU C 98 -17.69 -9.36 1.70
CA LEU C 98 -18.11 -9.66 3.06
C LEU C 98 -17.40 -8.75 4.07
N CYS C 99 -16.14 -8.42 3.80
CA CYS C 99 -15.42 -7.49 4.67
C CYS C 99 -16.00 -6.10 4.58
N CYS C 100 -16.30 -5.63 3.37
CA CYS C 100 -16.91 -4.32 3.22
C CYS C 100 -18.28 -4.25 3.88
N TYR C 101 -18.96 -5.39 4.01
CA TYR C 101 -20.24 -5.40 4.73
C TYR C 101 -20.03 -5.12 6.21
N MET C 102 -19.07 -5.80 6.83
CA MET C 102 -18.81 -5.58 8.25
C MET C 102 -18.23 -4.20 8.51
N ILE C 103 -17.52 -3.63 7.54
CA ILE C 103 -16.96 -2.30 7.70
C ILE C 103 -18.06 -1.25 7.69
N LEU C 104 -18.95 -1.31 6.71
CA LEU C 104 -19.92 -0.25 6.48
C LEU C 104 -21.23 -0.44 7.25
N VAL C 105 -21.57 -1.65 7.63
CA VAL C 105 -22.85 -1.93 8.27
C VAL C 105 -22.69 -2.31 9.74
N GLN C 106 -21.67 -3.10 10.07
CA GLN C 106 -21.48 -3.59 11.43
C GLN C 106 -20.42 -2.81 12.19
N ALA C 107 -19.79 -1.81 11.57
CA ALA C 107 -18.83 -0.93 12.22
C ALA C 107 -17.64 -1.70 12.80
N TRP C 108 -17.11 -2.62 12.01
CA TRP C 108 -15.90 -3.33 12.39
C TRP C 108 -14.67 -2.57 11.94
N THR C 109 -13.55 -2.85 12.58
CA THR C 109 -12.28 -2.23 12.19
C THR C 109 -11.54 -3.12 11.20
N PRO C 110 -10.62 -2.54 10.41
CA PRO C 110 -9.91 -3.36 9.41
C PRO C 110 -9.19 -4.55 9.98
N HIS C 111 -8.50 -4.40 11.12
CA HIS C 111 -7.76 -5.53 11.69
C HIS C 111 -8.70 -6.61 12.22
N GLN C 112 -9.98 -6.31 12.39
CA GLN C 112 -10.93 -7.33 12.83
C GLN C 112 -11.46 -8.15 11.66
N VAL C 113 -11.64 -7.53 10.50
CA VAL C 113 -12.13 -8.26 9.33
C VAL C 113 -10.99 -8.90 8.53
N LEU C 114 -9.74 -8.48 8.74
CA LEU C 114 -8.61 -9.04 8.02
C LEU C 114 -7.99 -10.23 8.74
N GLN C 115 -8.32 -10.46 10.02
CA GLN C 115 -7.74 -11.60 10.73
C GLN C 115 -8.23 -12.93 10.19
N PRO C 116 -9.53 -13.15 9.94
CA PRO C 116 -9.95 -14.47 9.43
C PRO C 116 -9.43 -14.79 8.04
N LEU C 117 -8.99 -13.80 7.27
CA LEU C 117 -8.54 -14.01 5.89
C LEU C 117 -7.03 -14.06 5.76
N ALA C 118 -6.30 -14.02 6.88
CA ALA C 118 -4.84 -13.95 6.84
C ALA C 118 -4.24 -15.35 6.76
N GLN C 119 -3.25 -15.51 5.88
CA GLN C 119 -2.48 -16.74 5.73
C GLN C 119 -3.38 -17.92 5.37
N VAL C 120 -4.25 -17.70 4.40
CA VAL C 120 -5.16 -18.73 3.92
C VAL C 120 -4.53 -19.42 2.71
N ASP C 121 -4.61 -20.75 2.69
CA ASP C 121 -4.06 -21.55 1.58
C ASP C 121 -5.20 -22.27 0.88
N PRO C 122 -5.43 -22.02 -0.42
CA PRO C 122 -4.64 -21.12 -1.26
C PRO C 122 -5.04 -19.66 -1.09
N PRO C 123 -4.09 -18.74 -1.28
CA PRO C 123 -4.38 -17.32 -1.09
C PRO C 123 -5.36 -16.79 -2.12
N PHE C 124 -5.91 -15.61 -1.82
CA PHE C 124 -6.84 -14.96 -2.72
C PHE C 124 -6.08 -14.31 -3.88
N MET C 125 -6.77 -14.17 -5.00
CA MET C 125 -6.17 -13.58 -6.18
C MET C 125 -6.20 -12.05 -6.08
N PRO C 126 -5.05 -11.37 -6.11
CA PRO C 126 -5.06 -9.91 -6.02
C PRO C 126 -5.75 -9.29 -7.24
N PHE C 127 -6.30 -8.10 -7.03
CA PHE C 127 -7.01 -7.40 -8.09
C PHE C 127 -6.04 -6.69 -9.03
N ARG C 128 -6.35 -6.71 -10.32
CA ARG C 128 -5.54 -6.06 -11.34
C ARG C 128 -6.35 -4.95 -12.00
N ASP C 129 -5.68 -4.21 -12.88
CA ASP C 129 -6.28 -3.07 -13.55
C ASP C 129 -7.16 -3.53 -14.70
N ALA C 130 -7.81 -2.57 -15.36
CA ALA C 130 -8.74 -2.83 -16.44
C ALA C 130 -8.15 -2.47 -17.81
N GLY C 131 -6.82 -2.48 -17.92
CA GLY C 131 -6.17 -2.17 -19.18
C GLY C 131 -5.91 -3.41 -20.03
N TYR C 132 -5.49 -3.15 -21.26
CA TYR C 132 -5.22 -4.23 -22.20
C TYR C 132 -3.81 -4.78 -22.11
N SER C 133 -2.89 -4.04 -21.51
CA SER C 133 -1.51 -4.50 -21.37
C SER C 133 -1.40 -5.53 -20.25
N ASN C 134 -0.23 -6.14 -20.14
CA ASN C 134 0.01 -7.11 -19.09
C ASN C 134 0.03 -6.42 -17.73
N ALA C 135 -0.52 -7.10 -16.73
CA ALA C 135 -0.61 -6.54 -15.39
C ALA C 135 0.78 -6.47 -14.75
N ASP C 136 1.03 -5.35 -14.05
CA ASP C 136 2.27 -5.17 -13.31
C ASP C 136 2.06 -4.45 -11.99
N PHE C 137 0.81 -4.38 -11.52
CA PHE C 137 0.48 -3.67 -10.29
C PHE C 137 -0.77 -4.30 -9.71
N GLU C 138 -0.73 -4.61 -8.41
CA GLU C 138 -1.81 -5.31 -7.74
C GLU C 138 -2.18 -4.58 -6.45
N ILE C 139 -3.48 -4.53 -6.16
CA ILE C 139 -3.98 -4.12 -4.86
C ILE C 139 -4.59 -5.34 -4.19
N THR C 140 -4.53 -5.36 -2.86
CA THR C 140 -5.01 -6.50 -2.09
C THR C 140 -6.29 -6.15 -1.37
N ILE C 141 -6.89 -7.17 -0.74
CA ILE C 141 -8.07 -6.94 0.07
C ILE C 141 -7.75 -6.04 1.25
N GLN C 142 -6.52 -6.12 1.77
CA GLN C 142 -6.10 -5.22 2.83
C GLN C 142 -6.12 -3.77 2.38
N ASP C 143 -5.79 -3.51 1.11
CA ASP C 143 -5.84 -2.15 0.60
C ASP C 143 -7.28 -1.66 0.46
N VAL C 144 -8.16 -2.50 -0.07
CA VAL C 144 -9.54 -2.09 -0.28
C VAL C 144 -10.25 -1.87 1.06
N VAL C 145 -10.06 -2.79 2.01
CA VAL C 145 -10.72 -2.66 3.30
C VAL C 145 -10.30 -1.37 3.99
N TYR C 146 -8.99 -1.09 3.99
CA TYR C 146 -8.53 0.15 4.60
C TYR C 146 -9.03 1.37 3.84
N GLY C 147 -9.14 1.28 2.52
CA GLY C 147 -9.63 2.40 1.74
C GLY C 147 -11.09 2.70 1.98
N VAL C 148 -11.92 1.66 2.03
CA VAL C 148 -13.34 1.85 2.29
C VAL C 148 -13.56 2.31 3.72
N TRP C 149 -12.78 1.79 4.66
CA TRP C 149 -12.92 2.18 6.05
C TRP C 149 -12.53 3.65 6.26
N ARG C 150 -11.46 4.09 5.59
CA ARG C 150 -11.04 5.48 5.73
C ARG C 150 -12.06 6.44 5.11
N ALA C 151 -12.66 6.04 3.99
CA ALA C 151 -13.67 6.89 3.36
C ALA C 151 -14.90 7.03 4.25
N LYS C 152 -15.27 5.98 4.98
CA LYS C 152 -16.40 6.07 5.90
C LYS C 152 -16.09 6.98 7.07
N GLU C 153 -14.85 6.92 7.58
CA GLU C 153 -14.47 7.75 8.71
C GLU C 153 -14.49 9.23 8.36
N LYS C 154 -14.18 9.57 7.10
CA LYS C 154 -14.18 10.96 6.65
C LYS C 154 -15.55 11.40 6.13
N GLY C 155 -16.57 10.55 6.23
CA GLY C 155 -17.88 10.92 5.77
C GLY C 155 -18.08 10.85 4.27
N LEU C 156 -17.23 10.11 3.57
CA LEU C 156 -17.35 10.00 2.11
C LEU C 156 -18.35 8.94 1.68
N ILE C 157 -18.65 7.96 2.55
CA ILE C 157 -19.57 6.88 2.23
C ILE C 157 -20.59 6.77 3.36
N ASP C 158 -21.87 6.80 3.00
CA ASP C 158 -22.97 6.59 3.94
C ASP C 158 -24.00 5.69 3.25
N LEU C 159 -23.93 4.39 3.55
CA LEU C 159 -24.81 3.43 2.89
C LEU C 159 -26.28 3.62 3.22
N HIS C 160 -26.59 4.40 4.27
CA HIS C 160 -27.98 4.63 4.64
C HIS C 160 -28.66 5.66 3.75
N SER C 161 -27.90 6.63 3.24
CA SER C 161 -28.40 7.56 2.25
C SER C 161 -28.18 7.06 0.82
N PHE C 162 -27.61 5.86 0.66
CA PHE C 162 -27.33 5.33 -0.65
C PHE C 162 -28.62 4.93 -1.37
N ASN C 163 -28.73 5.32 -2.64
CA ASN C 163 -29.90 5.02 -3.47
C ASN C 163 -29.46 4.09 -4.60
N LEU C 164 -29.82 2.82 -4.48
CA LEU C 164 -29.48 1.85 -5.51
C LEU C 164 -30.19 2.14 -6.83
N GLU C 165 -31.35 2.79 -6.77
CA GLU C 165 -32.13 3.08 -7.97
C GLU C 165 -31.32 3.95 -8.93
N SER C 166 -30.84 5.09 -8.44
CA SER C 166 -30.12 6.03 -9.30
C SER C 166 -28.68 5.58 -9.57
N TYR C 167 -28.09 4.81 -8.65
CA TYR C 167 -26.72 4.35 -8.86
C TYR C 167 -26.63 3.46 -10.09
N GLU C 168 -27.59 2.55 -10.27
CA GLU C 168 -27.61 1.70 -11.45
C GLU C 168 -28.08 2.44 -12.70
N LYS C 169 -28.94 3.45 -12.53
CA LYS C 169 -29.48 4.17 -13.68
C LYS C 169 -28.41 5.01 -14.35
N TYR C 170 -27.69 5.82 -13.57
CA TYR C 170 -26.73 6.77 -14.12
C TYR C 170 -25.38 6.15 -14.43
N GLU C 171 -25.18 4.87 -14.13
CA GLU C 171 -23.98 4.18 -14.58
C GLU C 171 -24.11 3.67 -16.00
N HIS C 172 -25.33 3.59 -16.53
CA HIS C 172 -25.55 3.11 -17.88
CA HIS C 172 -25.55 3.11 -17.88
C HIS C 172 -25.02 4.12 -18.90
N VAL C 173 -24.66 3.61 -20.08
CA VAL C 173 -24.09 4.46 -21.12
C VAL C 173 -25.13 5.42 -21.66
N GLU C 174 -26.37 4.97 -21.82
CA GLU C 174 -27.43 5.79 -22.39
C GLU C 174 -28.07 6.74 -21.38
N PHE C 175 -27.45 6.93 -20.20
CA PHE C 175 -27.94 7.88 -19.22
C PHE C 175 -26.85 8.81 -18.71
N GLY C 176 -25.68 8.82 -19.35
CA GLY C 176 -24.58 9.70 -18.98
C GLY C 176 -23.32 8.97 -18.57
N ASP C 177 -23.46 7.78 -18.00
CA ASP C 177 -22.33 6.96 -17.56
C ASP C 177 -21.46 7.73 -16.55
N PHE C 178 -22.02 7.90 -15.36
CA PHE C 178 -21.30 8.60 -14.31
C PHE C 178 -21.65 8.00 -12.94
N ASN C 179 -20.80 8.33 -11.96
CA ASN C 179 -21.00 7.94 -10.58
C ASN C 179 -20.63 9.12 -9.69
N VAL C 180 -21.35 9.25 -8.58
CA VAL C 180 -21.05 10.29 -7.59
C VAL C 180 -20.05 9.68 -6.62
N LEU C 181 -18.76 9.90 -6.89
CA LEU C 181 -17.71 9.32 -6.07
C LEU C 181 -17.76 9.86 -4.64
N THR C 182 -17.72 11.17 -4.51
CA THR C 182 -17.71 11.86 -3.22
C THR C 182 -18.76 12.96 -3.26
N PRO C 183 -19.07 13.57 -2.11
CA PRO C 183 -19.96 14.75 -2.13
C PRO C 183 -19.39 15.94 -2.90
N ASP C 184 -18.14 15.85 -3.37
CA ASP C 184 -17.51 16.95 -4.08
C ASP C 184 -17.17 16.64 -5.54
N PHE C 185 -17.10 15.38 -5.94
CA PHE C 185 -16.59 15.03 -7.25
C PHE C 185 -17.55 14.07 -7.97
N ILE C 186 -17.53 14.15 -9.29
CA ILE C 186 -18.31 13.28 -10.16
C ILE C 186 -17.42 12.89 -11.34
N ALA C 187 -17.34 11.60 -11.63
CA ALA C 187 -16.58 11.08 -12.76
C ALA C 187 -17.54 10.54 -13.81
N PHE C 188 -17.42 11.04 -15.05
CA PHE C 188 -18.29 10.63 -16.13
C PHE C 188 -17.47 10.46 -17.41
N ALA C 189 -18.13 9.96 -18.45
CA ALA C 189 -17.53 9.81 -19.76
C ALA C 189 -17.86 11.01 -20.63
N SER C 190 -16.98 11.30 -21.58
CA SER C 190 -17.13 12.48 -22.42
C SER C 190 -18.44 12.43 -23.19
N PRO C 191 -19.30 13.45 -23.07
CA PRO C 191 -20.51 13.49 -23.89
C PRO C 191 -20.15 13.68 -25.36
N GLN C 192 -20.99 13.10 -26.23
CA GLN C 192 -20.81 13.19 -27.67
C GLN C 192 -22.02 13.84 -28.31
N GLU C 193 -21.78 14.60 -29.37
CA GLU C 193 -22.86 15.30 -30.05
C GLU C 193 -22.42 15.61 -31.48
N ASP C 194 -23.40 15.90 -32.32
CA ASP C 194 -23.18 16.38 -33.68
C ASP C 194 -23.71 17.82 -33.74
N HIS C 195 -22.83 18.77 -33.42
CA HIS C 195 -23.24 20.17 -33.30
C HIS C 195 -23.48 20.78 -34.68
N PRO C 196 -24.69 21.23 -34.98
CA PRO C 196 -24.94 21.88 -36.28
C PRO C 196 -24.37 23.28 -36.31
N LYS C 197 -24.34 23.85 -37.51
CA LYS C 197 -23.74 25.17 -37.73
C LYS C 197 -24.76 26.19 -38.24
N GLY C 198 -26.04 25.98 -37.91
CA GLY C 198 -27.10 26.84 -38.35
C GLY C 198 -28.03 27.20 -37.20
N TYR C 199 -29.25 27.61 -37.57
CA TYR C 199 -30.27 27.93 -36.57
C TYR C 199 -30.67 26.72 -35.75
N LEU C 200 -30.42 25.50 -36.26
CA LEU C 200 -30.70 24.29 -35.50
C LEU C 200 -29.85 24.18 -34.24
N ALA C 201 -28.73 24.91 -34.17
CA ALA C 201 -27.83 24.86 -33.02
C ALA C 201 -28.28 25.73 -31.87
N THR C 202 -29.55 26.15 -31.86
CA THR C 202 -30.09 26.97 -30.78
C THR C 202 -31.16 26.27 -29.96
N LYS C 203 -31.60 25.08 -30.36
CA LYS C 203 -32.61 24.33 -29.65
C LYS C 203 -32.03 23.01 -29.17
N SER C 204 -32.55 22.53 -28.03
CA SER C 204 -32.11 21.26 -27.46
C SER C 204 -32.86 20.10 -28.11
N SER C 205 -32.61 19.93 -29.41
CA SER C 205 -33.21 18.86 -30.18
C SER C 205 -32.19 17.91 -30.79
N HIS C 206 -30.97 18.36 -31.07
CA HIS C 206 -29.91 17.51 -31.57
C HIS C 206 -29.14 16.81 -30.46
N LEU C 207 -29.34 17.20 -29.21
CA LEU C 207 -28.67 16.55 -28.09
C LEU C 207 -29.35 15.22 -27.79
N ASN C 208 -28.55 14.16 -27.70
CA ASN C 208 -29.08 12.83 -27.46
C ASN C 208 -29.50 12.67 -26.00
N GLN C 209 -30.00 11.48 -25.66
CA GLN C 209 -30.50 11.24 -24.31
C GLN C 209 -29.42 11.29 -23.25
N PRO C 210 -28.26 10.63 -23.41
CA PRO C 210 -27.24 10.71 -22.34
C PRO C 210 -26.71 12.11 -22.12
N PHE C 211 -26.68 12.96 -23.16
CA PHE C 211 -26.25 14.34 -22.97
C PHE C 211 -27.27 15.12 -22.15
N LYS C 212 -28.55 14.99 -22.50
CA LYS C 212 -29.60 15.68 -21.75
C LYS C 212 -29.68 15.17 -20.32
N SER C 213 -29.38 13.88 -20.10
CA SER C 213 -29.40 13.34 -18.75
C SER C 213 -28.28 13.95 -17.90
N VAL C 214 -27.11 14.17 -18.50
CA VAL C 214 -26.01 14.79 -17.78
C VAL C 214 -26.33 16.25 -17.47
N LEU C 215 -26.85 16.98 -18.46
CA LEU C 215 -27.17 18.39 -18.25
C LEU C 215 -28.27 18.56 -17.20
N ASN C 216 -29.25 17.66 -17.21
CA ASN C 216 -30.34 17.76 -16.23
C ASN C 216 -29.87 17.40 -14.83
N PHE C 217 -29.00 16.39 -14.72
CA PHE C 217 -28.52 16.00 -13.40
C PHE C 217 -27.57 17.04 -12.82
N PHE C 218 -26.70 17.61 -13.66
CA PHE C 218 -25.75 18.61 -13.17
C PHE C 218 -26.44 19.90 -12.74
N ALA C 219 -27.52 20.28 -13.42
CA ALA C 219 -28.22 21.52 -13.10
C ALA C 219 -28.99 21.42 -11.79
N ASN C 220 -29.33 20.21 -11.34
CA ASN C 220 -30.11 20.01 -10.12
C ASN C 220 -29.28 19.41 -9.00
N ASN C 221 -27.95 19.41 -9.11
CA ASN C 221 -27.11 18.83 -8.07
C ASN C 221 -25.90 19.71 -7.73
N ASN C 222 -25.99 21.01 -8.00
CA ASN C 222 -24.98 21.99 -7.57
C ASN C 222 -23.61 21.67 -8.17
N VAL C 223 -23.58 21.47 -9.49
CA VAL C 223 -22.34 21.28 -10.22
C VAL C 223 -21.88 22.65 -10.73
N GLN C 224 -20.68 23.07 -10.33
CA GLN C 224 -20.18 24.40 -10.65
C GLN C 224 -19.06 24.40 -11.69
N LEU C 225 -18.39 23.27 -11.90
CA LEU C 225 -17.23 23.22 -12.77
C LEU C 225 -17.17 21.89 -13.48
N VAL C 226 -16.85 21.93 -14.78
CA VAL C 226 -16.66 20.74 -15.59
C VAL C 226 -15.24 20.79 -16.14
N VAL C 227 -14.45 19.75 -15.86
CA VAL C 227 -13.06 19.67 -16.28
C VAL C 227 -12.95 18.61 -17.36
N ARG C 228 -12.54 19.03 -18.56
CA ARG C 228 -12.39 18.13 -19.69
C ARG C 228 -10.92 17.74 -19.84
N LEU C 229 -10.66 16.43 -19.96
CA LEU C 229 -9.30 15.92 -20.05
C LEU C 229 -8.97 15.29 -21.39
N ASN C 230 -9.96 15.09 -22.26
CA ASN C 230 -9.75 14.50 -23.58
C ASN C 230 -10.08 15.53 -24.66
N SER C 231 -9.93 15.13 -25.91
CA SER C 231 -10.18 16.02 -27.04
C SER C 231 -11.66 16.41 -27.09
N HIS C 232 -11.93 17.45 -27.88
CA HIS C 232 -13.28 18.00 -27.97
C HIS C 232 -14.19 17.07 -28.75
N LEU C 233 -15.17 16.48 -28.06
CA LEU C 233 -16.20 15.68 -28.70
C LEU C 233 -17.57 16.33 -28.62
N TYR C 234 -17.66 17.52 -28.03
CA TYR C 234 -18.92 18.24 -27.89
C TYR C 234 -18.61 19.73 -27.80
N ASN C 235 -19.67 20.53 -27.82
CA ASN C 235 -19.54 21.97 -27.68
C ASN C 235 -19.74 22.36 -26.23
N LYS C 236 -18.78 23.13 -25.69
CA LYS C 236 -18.80 23.48 -24.27
C LYS C 236 -19.88 24.49 -23.93
N LYS C 237 -20.51 25.13 -24.92
CA LYS C 237 -21.52 26.14 -24.64
C LYS C 237 -22.76 25.55 -23.97
N HIS C 238 -23.02 24.25 -24.15
CA HIS C 238 -24.17 23.64 -23.52
C HIS C 238 -24.01 23.58 -22.00
N PHE C 239 -22.77 23.55 -21.51
CA PHE C 239 -22.55 23.60 -20.06
C PHE C 239 -22.53 25.03 -19.56
N GLU C 240 -22.09 25.98 -20.39
CA GLU C 240 -22.04 27.38 -19.98
C GLU C 240 -23.39 28.06 -20.01
N ASP C 241 -24.34 27.55 -20.81
CA ASP C 241 -25.66 28.14 -20.85
C ASP C 241 -26.43 27.92 -19.56
N ILE C 242 -26.12 26.86 -18.82
CA ILE C 242 -26.83 26.56 -17.58
C ILE C 242 -26.01 27.06 -16.40
N GLY C 243 -25.03 27.91 -16.69
CA GLY C 243 -24.24 28.55 -15.64
C GLY C 243 -23.23 27.65 -14.98
N ILE C 244 -22.51 26.83 -15.74
CA ILE C 244 -21.47 25.96 -15.22
C ILE C 244 -20.17 26.28 -15.96
N GLN C 245 -19.09 26.49 -15.20
CA GLN C 245 -17.82 26.82 -15.82
C GLN C 245 -17.20 25.59 -16.46
N HIS C 246 -16.52 25.80 -17.59
CA HIS C 246 -15.87 24.73 -18.34
C HIS C 246 -14.39 25.02 -18.44
N LEU C 247 -13.57 24.00 -18.20
CA LEU C 247 -12.11 24.15 -18.21
C LEU C 247 -11.48 22.94 -18.87
N ASP C 248 -10.46 23.19 -19.69
CA ASP C 248 -9.76 22.15 -20.42
C ASP C 248 -8.39 21.91 -19.80
N LEU C 249 -8.15 20.68 -19.35
CA LEU C 249 -6.84 20.22 -18.92
C LEU C 249 -6.49 18.92 -19.66
N ILE C 250 -6.36 19.04 -20.98
CA ILE C 250 -6.31 17.89 -21.87
C ILE C 250 -4.90 17.33 -21.93
N PHE C 251 -4.78 16.02 -21.77
CA PHE C 251 -3.53 15.32 -22.03
C PHE C 251 -3.86 13.94 -22.60
N GLU C 252 -2.85 13.29 -23.15
CA GLU C 252 -3.07 12.10 -23.98
C GLU C 252 -3.66 10.95 -23.17
N ASP C 253 -4.55 10.19 -23.80
CA ASP C 253 -5.20 9.07 -23.15
C ASP C 253 -4.18 8.01 -22.77
N GLY C 254 -4.33 7.47 -21.56
CA GLY C 254 -3.43 6.46 -21.04
C GLY C 254 -2.13 6.99 -20.46
N THR C 255 -1.80 8.25 -20.71
CA THR C 255 -0.58 8.84 -20.17
C THR C 255 -0.82 9.40 -18.77
N CYS C 256 0.25 9.87 -18.16
CA CYS C 256 0.17 10.44 -16.82
C CYS C 256 0.26 11.95 -16.88
N PRO C 257 -0.53 12.65 -16.07
CA PRO C 257 -0.52 14.12 -16.13
C PRO C 257 0.73 14.70 -15.48
N ASP C 258 1.20 15.80 -16.05
CA ASP C 258 2.30 16.55 -15.45
C ASP C 258 1.85 17.14 -14.11
N LEU C 259 2.81 17.28 -13.19
CA LEU C 259 2.49 17.77 -11.86
C LEU C 259 1.98 19.21 -11.88
N SER C 260 2.31 19.98 -12.93
CA SER C 260 1.74 21.32 -13.04
C SER C 260 0.26 21.26 -13.37
N ILE C 261 -0.18 20.25 -14.11
CA ILE C 261 -1.61 20.06 -14.36
C ILE C 261 -2.31 19.61 -13.09
N VAL C 262 -1.68 18.74 -12.32
CA VAL C 262 -2.28 18.24 -11.08
C VAL C 262 -2.43 19.38 -10.06
N LYS C 263 -1.40 20.23 -9.95
CA LYS C 263 -1.50 21.35 -9.02
C LYS C 263 -2.63 22.29 -9.42
N ASN C 264 -2.74 22.60 -10.73
CA ASN C 264 -3.82 23.47 -11.17
C ASN C 264 -5.18 22.86 -10.94
N PHE C 265 -5.28 21.53 -11.04
CA PHE C 265 -6.56 20.87 -10.78
C PHE C 265 -6.95 20.97 -9.31
N VAL C 266 -5.99 20.70 -8.42
CA VAL C 266 -6.27 20.79 -6.98
C VAL C 266 -6.72 22.19 -6.61
N GLY C 267 -6.02 23.20 -7.12
CA GLY C 267 -6.42 24.57 -6.85
C GLY C 267 -7.77 24.92 -7.43
N ALA C 268 -8.07 24.39 -8.63
CA ALA C 268 -9.35 24.68 -9.26
C ALA C 268 -10.50 24.05 -8.49
N ALA C 269 -10.28 22.85 -7.91
CA ALA C 269 -11.36 22.18 -7.23
C ALA C 269 -11.50 22.62 -5.78
N GLU C 270 -10.42 23.13 -5.18
CA GLU C 270 -10.47 23.50 -3.76
C GLU C 270 -11.35 24.72 -3.53
N THR C 271 -11.32 25.69 -4.44
CA THR C 271 -12.17 26.87 -4.26
C THR C 271 -13.63 26.55 -4.54
N ILE C 272 -13.90 25.67 -5.50
CA ILE C 272 -15.27 25.22 -5.73
C ILE C 272 -15.81 24.51 -4.50
N ILE C 273 -14.96 23.73 -3.84
CA ILE C 273 -15.34 23.13 -2.56
C ILE C 273 -15.54 24.22 -1.51
N LYS C 274 -14.72 25.27 -1.55
CA LYS C 274 -14.90 26.38 -0.62
C LYS C 274 -16.22 27.12 -0.87
N ARG C 275 -16.73 27.07 -2.09
CA ARG C 275 -18.04 27.65 -2.41
C ARG C 275 -19.17 26.66 -2.24
N GLY C 276 -18.89 25.41 -1.86
CA GLY C 276 -19.94 24.44 -1.59
C GLY C 276 -20.48 23.72 -2.80
N GLY C 277 -19.74 23.70 -3.91
CA GLY C 277 -20.19 23.05 -5.12
C GLY C 277 -19.42 21.78 -5.42
N LYS C 278 -19.87 21.10 -6.47
CA LYS C 278 -19.25 19.87 -6.94
C LYS C 278 -18.49 20.13 -8.24
N ILE C 279 -17.53 19.25 -8.52
CA ILE C 279 -16.72 19.32 -9.74
C ILE C 279 -16.94 18.03 -10.51
N ALA C 280 -17.14 18.15 -11.82
CA ALA C 280 -17.38 17.01 -12.70
C ALA C 280 -16.19 16.87 -13.65
N VAL C 281 -15.47 15.77 -13.54
CA VAL C 281 -14.27 15.51 -14.32
C VAL C 281 -14.54 14.36 -15.28
N HIS C 282 -13.98 14.45 -16.48
CA HIS C 282 -14.20 13.41 -17.49
C HIS C 282 -13.03 13.35 -18.46
N CYS C 283 -12.69 12.13 -18.88
CA CYS C 283 -11.92 11.93 -20.10
C CYS C 283 -12.80 11.22 -21.11
N LYS C 284 -12.23 10.37 -21.94
CA LYS C 284 -13.03 9.63 -22.92
C LYS C 284 -14.01 8.71 -22.22
N ALA C 285 -13.52 7.88 -21.29
CA ALA C 285 -14.38 6.97 -20.54
C ALA C 285 -14.52 7.34 -19.07
N GLY C 286 -13.78 8.32 -18.58
CA GLY C 286 -13.86 8.71 -17.18
C GLY C 286 -13.32 7.68 -16.22
N LEU C 287 -12.22 7.01 -16.58
CA LEU C 287 -11.63 6.00 -15.72
C LEU C 287 -10.15 6.29 -15.52
N GLY C 288 -9.39 6.36 -16.61
CA GLY C 288 -7.96 6.54 -16.55
C GLY C 288 -7.50 7.93 -16.16
N ARG C 289 -7.63 8.88 -17.09
CA ARG C 289 -7.17 10.24 -16.82
C ARG C 289 -7.96 10.90 -15.70
N THR C 290 -9.25 10.57 -15.58
CA THR C 290 -10.06 11.12 -14.50
C THR C 290 -9.61 10.60 -13.15
N GLY C 291 -9.14 9.35 -13.08
CA GLY C 291 -8.69 8.80 -11.82
C GLY C 291 -7.42 9.42 -11.30
N CYS C 292 -6.56 9.91 -12.21
CA CYS C 292 -5.31 10.52 -11.78
C CYS C 292 -5.56 11.81 -11.00
N LEU C 293 -6.41 12.68 -11.54
CA LEU C 293 -6.61 13.99 -10.92
C LEU C 293 -7.47 13.89 -9.66
N ILE C 294 -8.61 13.19 -9.75
CA ILE C 294 -9.48 13.05 -8.58
C ILE C 294 -8.78 12.24 -7.50
N GLY C 295 -8.02 11.21 -7.89
CA GLY C 295 -7.29 10.43 -6.91
C GLY C 295 -6.21 11.22 -6.22
N ALA C 296 -5.55 12.14 -6.94
CA ALA C 296 -4.53 12.97 -6.33
C ALA C 296 -5.13 13.95 -5.33
N HIS C 297 -6.32 14.48 -5.64
CA HIS C 297 -6.97 15.40 -4.71
C HIS C 297 -7.44 14.69 -3.46
N LEU C 298 -7.88 13.42 -3.59
CA LEU C 298 -8.30 12.65 -2.42
C LEU C 298 -7.12 12.38 -1.49
N ILE C 299 -5.97 12.02 -2.06
CA ILE C 299 -4.78 11.81 -1.25
C ILE C 299 -4.34 13.12 -0.61
N TYR C 300 -4.42 14.22 -1.38
CA TYR C 300 -4.05 15.52 -0.84
C TYR C 300 -4.94 15.93 0.32
N THR C 301 -6.21 15.55 0.29
CA THR C 301 -7.16 16.01 1.30
C THR C 301 -7.21 15.10 2.53
N TYR C 302 -7.49 13.82 2.33
CA TYR C 302 -7.76 12.91 3.43
C TYR C 302 -6.61 11.97 3.75
N GLY C 303 -5.51 12.04 3.01
CA GLY C 303 -4.35 11.23 3.34
C GLY C 303 -4.45 9.77 3.00
N PHE C 304 -5.19 9.43 1.94
CA PHE C 304 -5.22 8.05 1.46
C PHE C 304 -3.84 7.62 1.02
N THR C 305 -3.53 6.33 1.21
CA THR C 305 -2.41 5.75 0.48
C THR C 305 -2.82 5.59 -0.99
N ALA C 306 -1.81 5.44 -1.85
CA ALA C 306 -2.10 5.22 -3.26
C ALA C 306 -2.92 3.95 -3.47
N ASN C 307 -2.62 2.89 -2.71
CA ASN C 307 -3.37 1.64 -2.85
C ASN C 307 -4.78 1.79 -2.29
N GLU C 308 -4.94 2.47 -1.15
CA GLU C 308 -6.27 2.69 -0.61
C GLU C 308 -7.10 3.56 -1.55
N CYS C 309 -6.49 4.54 -2.19
CA CYS C 309 -7.23 5.45 -3.05
C CYS C 309 -7.73 4.75 -4.30
N ILE C 310 -6.90 3.88 -4.89
CA ILE C 310 -7.34 3.11 -6.06
C ILE C 310 -8.47 2.17 -5.69
N GLY C 311 -8.36 1.50 -4.53
CA GLY C 311 -9.39 0.58 -4.11
C GLY C 311 -10.72 1.25 -3.81
N PHE C 312 -10.67 2.47 -3.29
CA PHE C 312 -11.92 3.18 -2.98
C PHE C 312 -12.60 3.67 -4.26
N LEU C 313 -11.82 4.17 -5.22
CA LEU C 313 -12.39 4.64 -6.48
C LEU C 313 -13.08 3.50 -7.23
N ARG C 314 -12.43 2.33 -7.30
CA ARG C 314 -13.01 1.19 -7.99
C ARG C 314 -14.19 0.60 -7.25
N PHE C 315 -14.25 0.79 -5.93
CA PHE C 315 -15.41 0.33 -5.16
C PHE C 315 -16.66 1.12 -5.51
N ILE C 316 -16.50 2.36 -5.97
CA ILE C 316 -17.61 3.19 -6.41
C ILE C 316 -17.76 3.15 -7.93
N ARG C 317 -16.66 3.26 -8.66
CA ARG C 317 -16.66 3.27 -10.12
C ARG C 317 -15.56 2.34 -10.60
N PRO C 318 -15.91 1.11 -11.01
CA PRO C 318 -14.87 0.12 -11.34
C PRO C 318 -14.07 0.52 -12.58
N GLY C 319 -12.77 0.25 -12.52
CA GLY C 319 -11.89 0.43 -13.66
C GLY C 319 -11.07 1.70 -13.69
N MET C 320 -11.06 2.48 -12.61
CA MET C 320 -10.33 3.74 -12.62
C MET C 320 -8.84 3.51 -12.36
N VAL C 321 -8.03 4.43 -12.88
CA VAL C 321 -6.56 4.37 -12.82
C VAL C 321 -6.07 3.13 -13.57
N VAL C 322 -5.56 3.34 -14.79
CA VAL C 322 -5.26 2.26 -15.72
C VAL C 322 -3.78 2.29 -16.07
N GLY C 323 -3.15 1.11 -16.05
CA GLY C 323 -1.82 0.93 -16.56
C GLY C 323 -0.75 1.69 -15.80
N PRO C 324 0.08 2.44 -16.53
CA PRO C 324 1.18 3.18 -15.88
C PRO C 324 0.71 4.23 -14.89
N GLN C 325 -0.57 4.62 -14.94
CA GLN C 325 -1.10 5.57 -13.97
C GLN C 325 -1.12 5.00 -12.56
N GLN C 326 -1.07 3.68 -12.41
CA GLN C 326 -1.04 3.08 -11.08
C GLN C 326 0.30 3.31 -10.40
N HIS C 327 1.40 2.99 -11.08
CA HIS C 327 2.72 3.28 -10.53
C HIS C 327 2.97 4.77 -10.41
N TRP C 328 2.34 5.58 -11.26
CA TRP C 328 2.50 7.03 -11.18
C TRP C 328 1.86 7.58 -9.91
N LEU C 329 0.62 7.18 -9.64
CA LEU C 329 -0.03 7.58 -8.39
C LEU C 329 0.72 7.04 -7.19
N TYR C 330 1.41 5.91 -7.35
CA TYR C 330 2.11 5.31 -6.21
C TYR C 330 3.38 6.07 -5.88
N LEU C 331 4.10 6.55 -6.90
CA LEU C 331 5.37 7.24 -6.69
C LEU C 331 5.22 8.73 -6.42
N HIS C 332 4.03 9.29 -6.64
CA HIS C 332 3.81 10.72 -6.42
C HIS C 332 2.83 10.98 -5.29
N GLN C 333 2.47 9.97 -4.50
CA GLN C 333 1.54 10.18 -3.39
C GLN C 333 2.14 11.07 -2.32
N ASN C 334 3.46 11.06 -2.15
CA ASN C 334 4.10 11.92 -1.17
C ASN C 334 3.97 13.39 -1.57
N ASP C 335 4.08 13.69 -2.87
CA ASP C 335 3.95 15.07 -3.33
C ASP C 335 2.53 15.58 -3.14
N PHE C 336 1.53 14.70 -3.21
CA PHE C 336 0.15 15.14 -3.06
C PHE C 336 -0.14 15.57 -1.63
N ARG C 337 0.26 14.76 -0.64
CA ARG C 337 0.08 15.12 0.75
C ARG C 337 1.02 16.25 1.18
N GLU C 338 2.15 16.41 0.51
CA GLU C 338 3.07 17.49 0.84
C GLU C 338 2.47 18.87 0.57
N TRP C 339 1.62 18.97 -0.46
CA TRP C 339 1.05 20.26 -0.82
C TRP C 339 0.19 20.87 0.29
N LYS C 340 -0.28 20.05 1.24
CA LYS C 340 -1.05 20.61 2.35
C LYS C 340 -0.18 21.44 3.30
N TYR C 341 1.14 21.31 3.21
CA TYR C 341 2.03 22.02 4.12
C TYR C 341 3.01 22.94 3.41
N THR C 342 3.21 22.79 2.10
CA THR C 342 4.08 23.67 1.35
C THR C 342 3.32 24.68 0.49
N THR C 343 2.02 24.48 0.28
CA THR C 343 1.22 25.35 -0.56
C THR C 343 0.01 25.86 0.21
N ARG C 344 -0.68 26.82 -0.39
CA ARG C 344 -1.93 27.34 0.14
C ARG C 344 -2.66 28.08 -0.96
N ILE C 345 -3.96 28.31 -0.76
CA ILE C 345 -4.78 28.92 -1.79
C ILE C 345 -4.38 30.37 -1.97
N SER C 346 -4.21 30.78 -3.22
CA SER C 346 -3.79 32.13 -3.53
C SER C 346 -4.95 33.11 -3.44
N LEU C 347 -4.62 34.39 -3.26
CA LEU C 347 -5.62 35.45 -3.22
C LEU C 347 -5.88 36.08 -4.57
N LYS C 348 -5.03 35.83 -5.56
CA LYS C 348 -5.20 36.37 -6.90
C LYS C 348 -5.62 35.27 -7.86
N PRO C 349 -6.62 35.51 -8.71
CA PRO C 349 -7.04 34.47 -9.65
C PRO C 349 -5.98 34.20 -10.71
N SER C 350 -6.14 33.08 -11.40
CA SER C 350 -5.20 32.63 -12.42
C SER C 350 -5.94 32.39 -13.73
N GLU C 351 -5.32 32.82 -14.84
CA GLU C 351 -5.89 32.61 -16.16
C GLU C 351 -5.80 31.16 -16.60
N ALA C 352 -4.90 30.37 -15.99
CA ALA C 352 -4.73 28.98 -16.40
C ALA C 352 -5.93 28.13 -16.01
N ILE C 353 -6.62 28.50 -14.94
CA ILE C 353 -7.79 27.75 -14.49
C ILE C 353 -9.04 28.62 -14.62
N GLY C 354 -9.05 29.50 -15.61
CA GLY C 354 -10.21 30.31 -15.92
C GLY C 354 -10.61 31.27 -14.83
N GLY C 355 -9.74 32.22 -14.50
CA GLY C 355 -10.02 33.21 -13.47
C GLY C 355 -10.33 32.59 -12.13
N LEU C 356 -9.53 31.61 -11.72
CA LEU C 356 -9.77 30.86 -10.50
C LEU C 356 -8.50 30.81 -9.68
N TYR C 357 -8.65 30.45 -8.40
CA TYR C 357 -7.57 30.64 -7.43
C TYR C 357 -6.72 29.38 -7.33
N PRO C 358 -5.39 29.49 -7.51
CA PRO C 358 -4.54 28.30 -7.50
C PRO C 358 -3.75 28.14 -6.21
N LEU C 359 -2.77 27.24 -6.24
CA LEU C 359 -1.90 26.98 -5.11
C LEU C 359 -0.59 27.72 -5.28
N ILE C 360 -0.12 28.36 -4.19
CA ILE C 360 1.14 29.07 -4.17
C ILE C 360 1.89 28.69 -2.91
N SER C 361 3.19 28.98 -2.91
CA SER C 361 4.03 28.65 -1.76
C SER C 361 3.68 29.52 -0.56
N LEU C 362 4.23 29.15 0.60
CA LEU C 362 4.01 29.92 1.80
C LEU C 362 4.71 31.28 1.77
N GLU C 363 5.73 31.43 0.93
CA GLU C 363 6.39 32.72 0.78
C GLU C 363 5.54 33.67 -0.06
N GLU C 364 4.92 33.16 -1.13
CA GLU C 364 4.04 33.99 -1.95
C GLU C 364 2.78 34.38 -1.21
N TYR C 365 2.29 33.51 -0.31
CA TYR C 365 1.00 33.76 0.33
C TYR C 365 1.11 34.84 1.39
N ARG C 366 2.07 34.71 2.31
CA ARG C 366 2.22 35.69 3.38
C ARG C 366 2.61 37.05 2.82
N LEU C 367 3.33 37.10 1.71
CA LEU C 367 3.69 38.37 1.08
C LEU C 367 2.47 39.08 0.51
N GLN C 368 1.39 38.36 0.22
CA GLN C 368 0.18 38.98 -0.28
C GLN C 368 -0.64 39.60 0.85
N LYS C 369 -0.85 38.83 1.94
CA LYS C 369 -1.64 39.34 3.06
C LYS C 369 -0.95 40.50 3.75
N LYS C 370 0.38 40.55 3.71
CA LYS C 370 1.09 41.68 4.29
C LYS C 370 0.88 42.95 3.46
N LYS C 371 1.11 42.86 2.15
CA LYS C 371 0.91 44.00 1.26
C LYS C 371 -0.57 44.26 1.03
CA ALA D 1 -31.39 3.00 4.80
C ALA D 1 -31.95 1.59 4.98
N PHE D 2 -31.95 1.12 6.22
CA PHE D 2 -32.45 -0.21 6.55
C PHE D 2 -33.37 -0.11 7.77
N THR D 3 -34.03 -1.24 8.06
CA THR D 3 -34.90 -1.33 9.23
C THR D 3 -34.81 -2.66 9.94
N ASP D 4 -34.05 -3.63 9.41
CA ASP D 4 -33.89 -4.93 10.03
C ASP D 4 -32.41 -5.32 9.99
N VAL D 5 -31.58 -4.55 10.68
CA VAL D 5 -30.14 -4.76 10.71
C VAL D 5 -29.85 -5.76 11.83
N PRO D 6 -29.36 -6.97 11.52
CA PRO D 6 -29.05 -7.93 12.59
C PRO D 6 -27.86 -7.47 13.42
N ALA D 7 -27.88 -7.87 14.69
CA ALA D 7 -26.81 -7.53 15.63
C ALA D 7 -25.63 -8.46 15.38
N LEU D 8 -24.78 -8.07 14.44
CA LEU D 8 -23.59 -8.84 14.07
C LEU D 8 -22.32 -8.06 14.42
N ASN D 9 -22.30 -7.44 15.59
CA ASN D 9 -21.15 -6.66 16.00
C ASN D 9 -20.02 -7.57 16.48
N TYR D 10 -18.80 -7.02 16.47
CA TYR D 10 -17.63 -7.79 16.87
C TYR D 10 -17.63 -7.98 18.38
N PRO D 11 -17.50 -9.22 18.87
CA PRO D 11 -17.52 -9.50 20.31
C PRO D 11 -16.31 -8.92 21.06
CA CA E . -0.54 -25.00 -11.66
C1 EDO F . 28.16 -5.41 8.18
O1 EDO F . 27.76 -6.16 9.35
C2 EDO F . 27.18 -5.69 7.06
O2 EDO F . 27.56 -4.94 5.89
CA CA G . -8.12 -26.53 0.71
ZN ZN H . -24.87 21.27 -29.64
#